data_9BS1
#
_entry.id   9BS1
#
_cell.length_a   1.00
_cell.length_b   1.00
_cell.length_c   1.00
_cell.angle_alpha   90.00
_cell.angle_beta   90.00
_cell.angle_gamma   90.00
#
_symmetry.space_group_name_H-M   'P 1'
#
loop_
_entity.id
_entity.type
_entity.pdbx_description
1 polymer 'Phospholipid-transporting ATPase NEO1'
2 non-polymer 'BERYLLIUM TRIFLUORIDE ION'
3 non-polymer '(2R)-3-{[(S)-hydroxy{[(1R,2R,3R,4R,5S,6R)-2,3,5,6-tetrahydroxy-4-(phosphonooxy)cyclohexyl]oxy}phosphoryl]oxy}propane-1,2-diyl di[(9Z)-octadec-9-enoate]'
#
_entity_poly.entity_id   1
_entity_poly.type   'polypeptide(L)'
_entity_poly.pdbx_seq_one_letter_code
;MDYKDDDDKPNPPSFKSHKQNLFNSNNNQHANSVDSFDLHLDDSFDAALDSLQINNNPEPLSKHNTVGDRESFEMRTVDD
LDNFSNHSSDSHRKSSNTDTHPLMYDNRLSQDDNFKFTNIASSPPSSSNNIFSKALSYLKVSNTKNWSKFGSPIELSDQH
IEREIHPDTTPVYDRNRYVSNELSNAKYNAVTFVPTLLYEQFKFFYNLYFLVVALSQAVPALRIGYLSSYIVPLAFVLTV
TMAKEAIDDIQRRRRDRESNNELYHVITRNRSIPSKDLKVGDLIKVHKGDRIPADLVLLQSSEPSGESFIKTDQLDGETD
WKLRVACPLTQNLSENDLINRISITASAPEKSIHKFLGKVTYKDSTSNPLSVDNTLWANTVLASSGFCIACVVYTGRDTR
QAMNTTTAKVKTGLLELEINSISKILCACVFALSILLVAFAGFHNDDWYIDILRYLILFSTIIPVSLRVNLDLAKSVYAH
QIEHDKTIPETIVRTSTIPEDLGRIEYLLSDKTGTLTQNDMQLKKIHLGTVSYTSETLDIVSDYVQSLVSSKNDSLNNSK
VALSTTRKDMSFRVRDMILTLAICHNVTPTFEDDELTYQAASPDEIAIVKFTESVGLSLFKRDRHSISLLHEHSGKTLNY
EILQVFPFNSDSKRMGIIVRDEQLDEYWFMQKGADTVMSKIVESNDWLEEETGNMAREGLRTLVIGRKKLNKKIYEQFQK
EYNDASLSMLNRDQQMSQVITKYLEHDLELLGLTGVEDKLQKDVKSSIELLRNAGIKIWMLTGDKVETARCVSISAKLIS
RGQYVHTITKVTRPEGAFNQLEYLKINRNACLLIDGESLGMFLKHYEQEFFDVVVHLPTVIACRCTPQQKADVALVIRKM
TGKRVCCIGDGGNDVSMIQCADVGVGIVGKEGKQASLAADFSITQFCHLTELLLWHGRNSYKRSAKLAQFVMHRGLIIAI
CQAVYSICSLFEPIALYQGWLMVGYATCYTMAPVFSLTLDHDIEESLTKIYPELYKELTEGKSLSYKTFFVWVLLSLFQG
SVIQLFSQAFTSLLDTDFTRMVAISFTALVVNELIMVALEIYTWNKTMLVTEIATLLFYIVSVPFLGDYFDLGYMTTVNY
YAGLLVILLISIFPVWTAKAIYRRLHPPSYAKVQEFATP
;
_entity_poly.pdbx_strand_id   A
#
loop_
_chem_comp.id
_chem_comp.type
_chem_comp.name
_chem_comp.formula
A1ARJ non-polymer '(2R)-3-{[(S)-hydroxy{[(1R,2R,3R,4R,5S,6R)-2,3,5,6-tetrahydroxy-4-(phosphonooxy)cyclohexyl]oxy}phosphoryl]oxy}propane-1,2-diyl di[(9Z)-octadec-9-enoate]' 'C45 H84 O16 P2'
BEF non-polymer 'BERYLLIUM TRIFLUORIDE ION' 'Be F3 -1'
#
# COMPACT_ATOMS: atom_id res chain seq x y z
N GLU A 162 8.73 33.65 10.38
CA GLU A 162 9.63 34.68 9.79
C GLU A 162 9.81 34.42 8.29
N ARG A 163 11.01 34.04 7.87
CA ARG A 163 11.27 33.66 6.49
C ARG A 163 10.94 34.77 5.50
N GLU A 164 11.67 35.89 5.58
CA GLU A 164 11.60 36.89 4.53
C GLU A 164 12.35 36.40 3.30
N ILE A 165 11.62 36.15 2.22
CA ILE A 165 12.20 35.64 0.98
C ILE A 165 12.17 36.75 -0.06
N HIS A 166 13.33 37.05 -0.62
CA HIS A 166 13.47 37.96 -1.75
C HIS A 166 13.98 37.18 -2.94
N PRO A 167 13.44 37.39 -4.14
CA PRO A 167 14.16 36.91 -5.33
C PRO A 167 15.56 37.48 -5.35
N ASP A 168 16.44 36.96 -6.22
CA ASP A 168 17.87 37.28 -6.17
C ASP A 168 18.48 36.73 -4.88
N THR A 169 18.25 35.44 -4.66
CA THR A 169 18.74 34.75 -3.47
C THR A 169 20.20 34.32 -3.60
N THR A 170 20.91 34.76 -4.65
CA THR A 170 22.28 34.30 -4.83
C THR A 170 23.18 34.57 -3.62
N PRO A 171 23.10 35.70 -2.92
CA PRO A 171 24.02 35.92 -1.79
C PRO A 171 23.90 34.85 -0.71
N VAL A 172 22.72 34.28 -0.51
CA VAL A 172 22.52 33.25 0.51
C VAL A 172 22.03 31.98 -0.16
N TYR A 173 22.45 31.74 -1.41
CA TYR A 173 22.06 30.54 -2.12
C TYR A 173 22.44 29.33 -1.27
N ASP A 174 21.43 28.65 -0.73
CA ASP A 174 21.66 27.61 0.26
C ASP A 174 22.52 28.17 1.39
N ARG A 175 23.83 27.93 1.35
CA ARG A 175 24.75 28.40 2.39
C ARG A 175 24.22 28.08 3.78
N ASN A 176 23.53 26.96 3.92
CA ASN A 176 22.94 26.48 5.17
C ASN A 176 21.81 27.38 5.66
N ARG A 177 21.41 28.39 4.90
CA ARG A 177 20.31 29.25 5.33
C ARG A 177 18.96 28.56 5.15
N TYR A 178 18.84 27.70 4.14
CA TYR A 178 17.60 26.97 3.92
C TYR A 178 17.91 25.60 3.32
N VAL A 179 17.01 24.66 3.55
CA VAL A 179 17.27 23.27 3.21
C VAL A 179 17.19 23.07 1.70
N SER A 180 17.89 22.05 1.22
CA SER A 180 17.84 21.66 -0.19
C SER A 180 16.60 20.82 -0.45
N ASN A 181 16.19 20.78 -1.71
CA ASN A 181 14.86 20.27 -2.06
C ASN A 181 14.84 18.78 -2.41
N GLU A 182 15.97 18.08 -2.36
CA GLU A 182 15.97 16.64 -2.66
C GLU A 182 15.46 15.92 -1.42
N LEU A 183 14.29 15.30 -1.54
CA LEU A 183 13.67 14.57 -0.43
C LEU A 183 14.01 13.08 -0.55
N SER A 184 15.27 12.77 -0.31
CA SER A 184 15.75 11.40 -0.47
C SER A 184 15.16 10.50 0.61
N ASN A 185 14.76 9.29 0.20
CA ASN A 185 14.31 8.27 1.15
C ASN A 185 15.50 7.44 1.60
N ALA A 186 16.54 8.11 2.09
CA ALA A 186 17.79 7.44 2.42
C ALA A 186 17.74 6.88 3.84
N LYS A 187 18.55 5.85 4.07
CA LYS A 187 18.72 5.26 5.39
C LYS A 187 20.19 4.98 5.63
N TYR A 188 20.59 5.01 6.90
CA TYR A 188 21.92 4.58 7.29
C TYR A 188 23.04 5.37 6.60
N ASN A 189 23.15 6.66 6.92
CA ASN A 189 24.36 7.39 6.54
C ASN A 189 25.57 6.54 6.90
N ALA A 190 26.53 6.48 5.98
CA ALA A 190 27.60 5.49 6.08
C ALA A 190 28.35 5.59 7.40
N VAL A 191 28.39 6.79 8.01
CA VAL A 191 29.10 6.94 9.27
C VAL A 191 28.37 6.28 10.43
N THR A 192 27.11 5.88 10.23
CA THR A 192 26.34 5.15 11.24
C THR A 192 25.57 3.98 10.62
N PHE A 193 26.16 3.30 9.64
CA PHE A 193 25.48 2.20 8.97
C PHE A 193 25.55 0.92 9.80
N VAL A 194 26.76 0.42 10.02
CA VAL A 194 26.92 -0.78 10.85
C VAL A 194 26.45 -0.52 12.28
N PRO A 195 26.85 0.57 12.93
CA PRO A 195 26.42 0.78 14.33
C PRO A 195 24.91 0.70 14.52
N THR A 196 24.15 0.87 13.43
CA THR A 196 22.70 0.75 13.48
C THR A 196 22.22 -0.64 13.07
N LEU A 197 22.70 -1.13 11.93
CA LEU A 197 22.23 -2.43 11.42
C LEU A 197 22.57 -3.55 12.40
N LEU A 198 23.80 -3.55 12.91
CA LEU A 198 24.22 -4.60 13.82
C LEU A 198 23.38 -4.60 15.09
N TYR A 199 23.29 -3.43 15.74
CA TYR A 199 22.47 -3.31 16.94
C TYR A 199 20.99 -3.56 16.68
N GLU A 200 20.56 -3.49 15.42
CA GLU A 200 19.17 -3.80 15.10
C GLU A 200 18.94 -5.30 15.01
N GLN A 201 19.75 -5.99 14.20
CA GLN A 201 19.48 -7.42 14.00
C GLN A 201 19.92 -8.25 15.20
N PHE A 202 20.96 -7.82 15.91
CA PHE A 202 21.46 -8.60 17.05
C PHE A 202 20.81 -8.17 18.36
N LYS A 203 19.49 -8.24 18.41
CA LYS A 203 18.77 -8.10 19.68
C LYS A 203 17.74 -9.21 19.83
N PHE A 204 17.32 -9.80 18.72
CA PHE A 204 16.44 -10.96 18.79
C PHE A 204 17.21 -12.18 19.26
N PHE A 205 16.55 -13.00 20.07
CA PHE A 205 17.24 -14.13 20.69
C PHE A 205 17.74 -15.12 19.65
N TYR A 206 16.97 -15.33 18.57
CA TYR A 206 17.36 -16.34 17.61
C TYR A 206 18.58 -15.93 16.78
N ASN A 207 19.05 -14.69 16.91
CA ASN A 207 20.31 -14.27 16.34
C ASN A 207 21.39 -14.18 17.41
N LEU A 208 21.04 -13.59 18.57
CA LEU A 208 21.99 -13.52 19.66
C LEU A 208 22.47 -14.90 20.08
N TYR A 209 21.64 -15.93 19.84
CA TYR A 209 22.02 -17.29 20.22
C TYR A 209 23.24 -17.75 19.43
N PHE A 210 23.19 -17.64 18.10
CA PHE A 210 24.34 -18.06 17.31
C PHE A 210 25.50 -17.11 17.49
N LEU A 211 25.24 -15.84 17.75
CA LEU A 211 26.35 -14.93 18.03
C LEU A 211 27.09 -15.36 19.29
N VAL A 212 26.36 -15.65 20.37
CA VAL A 212 26.99 -16.09 21.61
C VAL A 212 27.65 -17.45 21.45
N VAL A 213 27.09 -18.31 20.59
CA VAL A 213 27.74 -19.60 20.33
C VAL A 213 29.09 -19.38 19.67
N ALA A 214 29.10 -18.67 18.54
CA ALA A 214 30.34 -18.44 17.80
C ALA A 214 31.32 -17.55 18.54
N LEU A 215 30.86 -16.74 19.49
CA LEU A 215 31.74 -15.96 20.34
C LEU A 215 32.24 -16.75 21.54
N SER A 216 31.93 -18.06 21.59
CA SER A 216 32.64 -18.94 22.49
C SER A 216 34.02 -19.16 21.89
N GLN A 217 34.81 -20.06 22.47
CA GLN A 217 36.19 -20.28 22.05
C GLN A 217 37.05 -19.08 22.42
N ALA A 218 36.46 -18.04 23.01
CA ALA A 218 37.25 -16.97 23.58
C ALA A 218 37.99 -17.44 24.82
N VAL A 219 37.44 -18.41 25.53
CA VAL A 219 38.11 -19.10 26.62
C VAL A 219 38.49 -20.49 26.12
N PRO A 220 39.74 -20.93 26.27
CA PRO A 220 40.14 -22.19 25.65
C PRO A 220 39.37 -23.40 26.15
N ALA A 221 38.78 -23.34 27.34
CA ALA A 221 38.12 -24.52 27.90
C ALA A 221 36.90 -24.93 27.09
N LEU A 222 36.34 -24.02 26.30
CA LEU A 222 35.09 -24.27 25.58
C LEU A 222 35.32 -24.61 24.11
N ARG A 223 36.52 -25.04 23.73
CA ARG A 223 36.85 -25.32 22.34
C ARG A 223 36.26 -26.67 21.95
N ILE A 224 35.08 -26.63 21.32
CA ILE A 224 34.37 -27.85 20.95
C ILE A 224 34.90 -28.45 19.65
N GLY A 225 35.59 -27.68 18.84
CA GLY A 225 36.05 -28.20 17.57
C GLY A 225 36.76 -27.15 16.75
N TYR A 226 36.80 -27.39 15.44
CA TYR A 226 37.47 -26.48 14.52
C TYR A 226 36.94 -25.06 14.70
N LEU A 227 37.85 -24.10 14.80
CA LEU A 227 37.43 -22.70 14.81
C LEU A 227 36.73 -22.32 13.51
N SER A 228 36.97 -23.08 12.44
CA SER A 228 36.29 -22.82 11.18
C SER A 228 34.79 -23.02 11.32
N SER A 229 34.37 -24.06 12.04
CA SER A 229 32.96 -24.39 12.12
C SER A 229 32.12 -23.27 12.72
N TYR A 230 32.74 -22.33 13.45
CA TYR A 230 32.01 -21.29 14.16
C TYR A 230 32.22 -19.91 13.56
N ILE A 231 33.46 -19.55 13.22
CA ILE A 231 33.72 -18.22 12.69
C ILE A 231 33.23 -18.10 11.25
N VAL A 232 33.40 -19.14 10.44
CA VAL A 232 33.05 -19.08 9.02
C VAL A 232 31.57 -18.76 8.87
N PRO A 233 30.66 -19.57 9.41
CA PRO A 233 29.22 -19.28 9.23
C PRO A 233 28.80 -17.97 9.86
N LEU A 234 29.39 -17.57 10.98
CA LEU A 234 29.08 -16.27 11.56
C LEU A 234 29.42 -15.14 10.58
N ALA A 235 30.62 -15.19 10.02
CA ALA A 235 30.99 -14.19 9.01
C ALA A 235 30.08 -14.28 7.79
N PHE A 236 29.68 -15.49 7.42
CA PHE A 236 28.82 -15.65 6.24
C PHE A 236 27.48 -14.95 6.45
N VAL A 237 26.82 -15.23 7.58
CA VAL A 237 25.54 -14.58 7.82
C VAL A 237 25.72 -13.08 7.96
N LEU A 238 26.75 -12.64 8.68
CA LEU A 238 26.95 -11.20 8.86
C LEU A 238 27.13 -10.50 7.52
N THR A 239 28.02 -11.02 6.68
CA THR A 239 28.29 -10.37 5.39
C THR A 239 27.09 -10.45 4.47
N VAL A 240 26.36 -11.56 4.47
CA VAL A 240 25.19 -11.67 3.59
C VAL A 240 24.12 -10.66 4.01
N THR A 241 23.85 -10.56 5.32
CA THR A 241 22.85 -9.60 5.77
C THR A 241 23.27 -8.17 5.46
N MET A 242 24.53 -7.83 5.73
CA MET A 242 25.00 -6.48 5.44
C MET A 242 24.91 -6.19 3.94
N ALA A 243 25.29 -7.16 3.11
CA ALA A 243 25.26 -6.96 1.67
C ALA A 243 23.84 -6.74 1.17
N LYS A 244 22.90 -7.56 1.65
CA LYS A 244 21.50 -7.38 1.23
C LYS A 244 20.98 -6.02 1.66
N GLU A 245 21.26 -5.61 2.90
CA GLU A 245 20.75 -4.33 3.36
C GLU A 245 21.35 -3.17 2.57
N ALA A 246 22.65 -3.21 2.33
CA ALA A 246 23.30 -2.16 1.57
C ALA A 246 22.81 -2.13 0.13
N ILE A 247 22.60 -3.31 -0.47
CA ILE A 247 22.09 -3.36 -1.84
C ILE A 247 20.72 -2.72 -1.90
N ASP A 248 19.84 -3.04 -0.95
CA ASP A 248 18.52 -2.44 -0.95
C ASP A 248 18.60 -0.92 -0.77
N ASP A 249 19.48 -0.45 0.12
CA ASP A 249 19.60 0.98 0.32
C ASP A 249 20.08 1.70 -0.94
N ILE A 250 21.13 1.18 -1.58
CA ILE A 250 21.65 1.83 -2.78
C ILE A 250 20.63 1.74 -3.91
N GLN A 251 19.88 0.63 -4.00
CA GLN A 251 18.86 0.52 -5.02
C GLN A 251 17.77 1.56 -4.81
N ARG A 252 17.35 1.76 -3.56
CA ARG A 252 16.35 2.79 -3.28
C ARG A 252 16.89 4.17 -3.64
N ARG A 253 18.15 4.44 -3.33
CA ARG A 253 18.72 5.74 -3.68
C ARG A 253 18.77 5.93 -5.20
N ARG A 254 19.16 4.88 -5.93
CA ARG A 254 19.20 4.96 -7.39
C ARG A 254 17.80 5.23 -7.95
N ARG A 255 16.80 4.49 -7.46
CA ARG A 255 15.45 4.68 -7.98
C ARG A 255 14.90 6.05 -7.61
N ASP A 256 15.31 6.59 -6.47
CA ASP A 256 14.81 7.90 -6.05
C ASP A 256 15.49 9.02 -6.82
N ARG A 257 16.74 8.81 -7.25
CA ARG A 257 17.44 9.86 -8.00
C ARG A 257 16.67 10.28 -9.25
N GLU A 258 15.87 9.36 -9.79
CA GLU A 258 15.16 9.67 -11.04
C GLU A 258 14.16 10.79 -10.86
N SER A 259 13.54 10.91 -9.68
CA SER A 259 12.53 11.92 -9.43
C SER A 259 13.06 13.12 -8.67
N ASN A 260 14.27 13.02 -8.11
CA ASN A 260 14.81 14.14 -7.33
C ASN A 260 15.29 15.28 -8.21
N ASN A 261 15.73 14.99 -9.44
CA ASN A 261 16.32 15.98 -10.32
C ASN A 261 15.43 16.29 -11.53
N GLU A 262 14.13 16.34 -11.32
CA GLU A 262 13.23 16.78 -12.39
C GLU A 262 13.65 18.15 -12.89
N LEU A 263 13.32 18.44 -14.14
CA LEU A 263 13.81 19.66 -14.78
C LEU A 263 12.72 20.72 -14.79
N TYR A 264 13.03 21.90 -14.25
CA TYR A 264 12.07 22.99 -14.09
C TYR A 264 12.62 24.25 -14.75
N HIS A 265 11.94 24.74 -15.77
CA HIS A 265 12.32 26.00 -16.39
C HIS A 265 12.35 27.08 -15.33
N VAL A 266 13.39 27.90 -15.34
CA VAL A 266 13.61 28.93 -14.34
C VAL A 266 13.76 30.28 -15.03
N ILE A 267 13.49 31.35 -14.30
CA ILE A 267 13.46 32.69 -14.87
C ILE A 267 14.55 33.60 -14.31
N THR A 268 15.07 33.30 -13.12
CA THR A 268 16.09 34.17 -12.52
C THR A 268 17.36 34.19 -13.38
N ARG A 269 17.86 33.03 -13.77
CA ARG A 269 19.10 32.95 -14.53
C ARG A 269 19.22 31.58 -15.16
N ASN A 270 20.18 31.44 -16.07
CA ASN A 270 20.57 30.16 -16.61
C ASN A 270 19.45 29.52 -17.41
N ARG A 271 19.74 28.38 -18.05
CA ARG A 271 18.70 27.59 -18.68
C ARG A 271 17.95 26.83 -17.58
N SER A 272 17.06 25.94 -17.97
CA SER A 272 16.30 25.19 -16.99
C SER A 272 17.24 24.41 -16.08
N ILE A 273 17.03 24.55 -14.77
CA ILE A 273 17.84 23.83 -13.79
C ILE A 273 16.96 22.82 -13.08
N PRO A 274 17.47 21.64 -12.73
CA PRO A 274 16.63 20.62 -12.13
C PRO A 274 16.40 20.85 -10.65
N SER A 275 15.45 20.09 -10.09
CA SER A 275 15.25 20.09 -8.65
C SER A 275 16.47 19.51 -7.97
N LYS A 276 16.63 19.82 -6.68
CA LYS A 276 17.85 19.60 -5.91
C LYS A 276 18.88 20.68 -6.28
N ASP A 277 18.57 21.49 -7.28
CA ASP A 277 19.26 22.76 -7.48
C ASP A 277 18.29 23.91 -7.30
N LEU A 278 17.00 23.65 -7.53
CA LEU A 278 15.96 24.60 -7.18
C LEU A 278 15.90 24.76 -5.66
N LYS A 279 15.88 26.00 -5.20
CA LYS A 279 15.84 26.26 -3.77
C LYS A 279 14.96 27.47 -3.49
N VAL A 280 14.99 27.98 -2.27
CA VAL A 280 14.02 28.99 -1.85
C VAL A 280 14.08 30.21 -2.76
N GLY A 281 12.97 30.48 -3.45
CA GLY A 281 12.76 31.75 -4.10
C GLY A 281 13.19 31.87 -5.55
N ASP A 282 13.58 30.78 -6.20
CA ASP A 282 13.93 30.86 -7.62
C ASP A 282 12.67 30.66 -8.47
N LEU A 283 12.32 31.70 -9.23
CA LEU A 283 11.04 31.71 -9.94
C LEU A 283 10.95 30.54 -10.91
N ILE A 284 9.83 29.84 -10.89
CA ILE A 284 9.58 28.70 -11.75
C ILE A 284 8.42 29.02 -12.67
N LYS A 285 8.64 28.88 -13.98
CA LYS A 285 7.59 29.12 -14.97
C LYS A 285 6.96 27.78 -15.31
N VAL A 286 6.23 27.22 -14.33
CA VAL A 286 5.61 25.92 -14.51
C VAL A 286 4.69 25.94 -15.72
N HIS A 287 4.66 24.83 -16.46
CA HIS A 287 3.88 24.72 -17.68
C HIS A 287 2.90 23.57 -17.59
N LYS A 288 1.64 23.85 -17.94
CA LYS A 288 0.59 22.84 -18.08
C LYS A 288 0.65 21.79 -16.97
N GLY A 289 1.09 20.58 -17.29
CA GLY A 289 1.05 19.49 -16.33
C GLY A 289 2.34 19.33 -15.56
N ASP A 290 3.10 20.42 -15.46
CA ASP A 290 4.36 20.37 -14.73
C ASP A 290 4.10 20.16 -13.24
N ARG A 291 4.51 18.99 -12.73
CA ARG A 291 4.36 18.71 -11.31
C ARG A 291 5.09 19.77 -10.51
N ILE A 292 4.37 20.37 -9.54
CA ILE A 292 5.00 21.43 -8.76
C ILE A 292 6.12 20.84 -7.91
N PRO A 293 7.27 21.52 -7.76
CA PRO A 293 8.40 20.92 -7.03
C PRO A 293 8.34 21.12 -5.53
N ALA A 294 7.71 22.20 -5.09
CA ALA A 294 7.68 22.54 -3.66
C ALA A 294 6.46 23.42 -3.42
N ASP A 295 6.42 24.08 -2.26
CA ASP A 295 5.34 25.00 -1.94
C ASP A 295 5.60 26.32 -2.63
N LEU A 296 4.66 26.74 -3.47
CA LEU A 296 4.76 27.93 -4.28
C LEU A 296 3.81 29.01 -3.77
N VAL A 297 4.05 30.23 -4.24
CA VAL A 297 3.10 31.33 -4.11
C VAL A 297 2.94 31.95 -5.48
N LEU A 298 1.75 31.78 -6.07
CA LEU A 298 1.52 32.08 -7.48
C LEU A 298 1.45 33.59 -7.66
N LEU A 299 2.50 34.17 -8.23
CA LEU A 299 2.58 35.62 -8.41
C LEU A 299 2.03 36.10 -9.75
N GLN A 300 1.82 35.19 -10.70
CA GLN A 300 1.31 35.61 -12.00
C GLN A 300 0.79 34.38 -12.75
N SER A 301 -0.42 34.49 -13.26
CA SER A 301 -1.08 33.40 -13.98
C SER A 301 -0.74 33.49 -15.46
N SER A 302 -1.50 32.77 -16.28
CA SER A 302 -1.23 32.69 -17.72
C SER A 302 -1.78 33.90 -18.46
N GLU A 303 -2.01 34.99 -17.73
CA GLU A 303 -2.62 36.19 -18.29
C GLU A 303 -4.04 35.95 -18.78
N PRO A 304 -4.91 35.31 -18.00
CA PRO A 304 -6.35 35.44 -18.23
C PRO A 304 -7.01 36.54 -17.41
N SER A 305 -6.23 37.37 -16.73
CA SER A 305 -6.76 38.33 -15.77
C SER A 305 -7.61 37.61 -14.73
N GLY A 306 -7.15 36.44 -14.30
CA GLY A 306 -7.92 35.61 -13.41
C GLY A 306 -7.12 34.56 -12.68
N GLU A 307 -7.68 33.35 -12.57
CA GLU A 307 -7.13 32.33 -11.71
C GLU A 307 -6.53 31.18 -12.53
N SER A 308 -6.01 30.18 -11.82
CA SER A 308 -5.50 28.97 -12.44
C SER A 308 -5.77 27.80 -11.51
N PHE A 309 -5.83 26.60 -12.09
CA PHE A 309 -6.27 25.40 -11.39
C PHE A 309 -5.11 24.46 -11.12
N ILE A 310 -5.09 23.88 -9.93
CA ILE A 310 -4.17 22.81 -9.56
C ILE A 310 -4.98 21.68 -8.95
N LYS A 311 -4.77 20.46 -9.45
CA LYS A 311 -5.51 19.30 -8.97
C LYS A 311 -4.68 18.61 -7.90
N THR A 312 -5.31 18.34 -6.76
CA THR A 312 -4.65 17.76 -5.60
C THR A 312 -4.67 16.24 -5.61
N ASP A 313 -4.69 15.62 -6.79
CA ASP A 313 -4.89 14.18 -6.89
C ASP A 313 -3.92 13.39 -6.02
N GLN A 314 -2.68 13.87 -5.90
CA GLN A 314 -1.64 13.12 -5.21
C GLN A 314 -1.13 13.80 -3.94
N LEU A 315 -1.82 14.81 -3.43
CA LEU A 315 -1.47 15.41 -2.15
C LEU A 315 -2.44 15.03 -1.04
N ASP A 316 -3.73 15.26 -1.22
CA ASP A 316 -4.72 14.89 -0.22
C ASP A 316 -5.78 13.94 -0.78
N GLY A 317 -5.75 13.65 -2.08
CA GLY A 317 -6.64 12.67 -2.67
C GLY A 317 -7.99 13.19 -3.11
N GLU A 318 -8.31 14.45 -2.84
CA GLU A 318 -9.56 15.00 -3.32
C GLU A 318 -9.61 14.95 -4.84
N THR A 319 -10.70 14.40 -5.37
CA THR A 319 -10.81 14.16 -6.80
C THR A 319 -11.16 15.42 -7.59
N ASP A 320 -11.46 16.53 -6.92
CA ASP A 320 -11.88 17.76 -7.60
C ASP A 320 -10.76 18.78 -7.57
N TRP A 321 -10.59 19.47 -8.69
CA TRP A 321 -9.51 20.45 -8.81
C TRP A 321 -9.80 21.65 -7.93
N LYS A 322 -8.76 22.18 -7.31
CA LYS A 322 -8.89 23.34 -6.44
C LYS A 322 -8.74 24.63 -7.24
N LEU A 323 -9.31 25.70 -6.69
CA LEU A 323 -9.18 27.02 -7.32
C LEU A 323 -8.05 27.80 -6.67
N ARG A 324 -7.15 28.32 -7.49
CA ARG A 324 -6.05 29.16 -7.00
C ARG A 324 -6.03 30.43 -7.83
N VAL A 325 -5.81 31.55 -7.15
CA VAL A 325 -5.88 32.87 -7.77
C VAL A 325 -4.57 33.59 -7.54
N ALA A 326 -4.05 34.23 -8.58
CA ALA A 326 -2.82 34.99 -8.47
C ALA A 326 -3.03 36.19 -7.55
N CYS A 327 -1.97 36.59 -6.88
CA CYS A 327 -2.08 37.71 -5.94
C CYS A 327 -2.50 38.98 -6.69
N PRO A 328 -3.35 39.81 -6.09
CA PRO A 328 -3.94 40.92 -6.86
C PRO A 328 -2.92 41.89 -7.42
N LEU A 329 -1.83 42.19 -6.71
CA LEU A 329 -0.92 43.24 -7.15
C LEU A 329 0.19 42.72 -8.04
N THR A 330 0.31 41.41 -8.19
CA THR A 330 1.41 40.83 -8.96
C THR A 330 1.00 40.45 -10.38
N GLN A 331 -0.19 40.87 -10.84
CA GLN A 331 -0.58 40.64 -12.22
C GLN A 331 -0.12 41.75 -13.14
N ASN A 332 0.45 42.82 -12.59
CA ASN A 332 0.81 44.00 -13.37
C ASN A 332 2.29 44.33 -13.35
N LEU A 333 3.06 43.71 -12.47
CA LEU A 333 4.44 44.14 -12.23
C LEU A 333 5.38 43.75 -13.37
N SER A 334 5.08 42.69 -14.11
CA SER A 334 5.94 42.24 -15.19
C SER A 334 7.26 41.71 -14.64
N GLU A 335 8.04 41.05 -15.50
CA GLU A 335 9.25 40.36 -15.03
C GLU A 335 10.28 41.33 -14.46
N ASN A 336 10.53 42.45 -15.15
CA ASN A 336 11.62 43.33 -14.75
C ASN A 336 11.49 43.77 -13.30
N ASP A 337 10.31 44.28 -12.92
CA ASP A 337 10.08 44.66 -11.54
C ASP A 337 9.88 43.44 -10.64
N LEU A 338 9.34 42.36 -11.20
CA LEU A 338 9.13 41.15 -10.41
C LEU A 338 10.45 40.58 -9.90
N ILE A 339 11.44 40.45 -10.79
CA ILE A 339 12.73 39.89 -10.38
C ILE A 339 13.49 40.86 -9.48
N ASN A 340 13.48 42.15 -9.82
CA ASN A 340 14.41 43.09 -9.20
C ASN A 340 14.32 43.08 -7.69
N ARG A 341 13.18 43.53 -7.14
CA ARG A 341 12.96 43.54 -5.71
C ARG A 341 11.45 43.54 -5.46
N ILE A 342 10.92 42.36 -5.12
CA ILE A 342 9.52 42.25 -4.75
C ILE A 342 9.38 41.84 -3.29
N SER A 343 10.09 40.77 -2.90
CA SER A 343 10.15 40.36 -1.50
C SER A 343 8.82 39.71 -1.16
N ILE A 344 8.84 38.72 -0.26
CA ILE A 344 7.65 38.13 0.34
C ILE A 344 8.03 37.55 1.69
N THR A 345 7.00 37.17 2.45
CA THR A 345 7.18 36.54 3.74
C THR A 345 6.10 35.49 3.94
N ALA A 346 6.40 34.49 4.75
CA ALA A 346 5.46 33.41 5.03
C ALA A 346 5.66 32.91 6.45
N SER A 347 4.61 32.29 6.99
CA SER A 347 4.68 31.72 8.32
C SER A 347 5.60 30.50 8.32
N ALA A 348 6.06 30.13 9.52
CA ALA A 348 6.90 28.96 9.65
C ALA A 348 6.11 27.72 9.23
N PRO A 349 6.77 26.72 8.65
CA PRO A 349 6.03 25.55 8.16
C PRO A 349 5.26 24.86 9.26
N GLU A 350 4.07 24.37 8.92
CA GLU A 350 3.20 23.69 9.87
C GLU A 350 2.43 22.60 9.14
N LYS A 351 1.78 21.75 9.94
CA LYS A 351 1.05 20.62 9.39
C LYS A 351 -0.22 21.12 8.68
N SER A 352 -1.02 20.14 8.23
CA SER A 352 -2.32 20.42 7.64
C SER A 352 -2.18 20.95 6.22
N ILE A 353 -3.24 20.79 5.42
CA ILE A 353 -3.23 21.14 4.01
C ILE A 353 -4.35 22.12 3.72
N HIS A 354 -4.64 23.01 4.67
CA HIS A 354 -5.66 24.03 4.44
C HIS A 354 -5.28 25.41 5.01
N LYS A 355 -4.07 25.61 5.48
CA LYS A 355 -3.71 26.86 6.16
C LYS A 355 -2.46 27.47 5.54
N PHE A 356 -2.41 28.80 5.56
CA PHE A 356 -1.29 29.57 5.06
C PHE A 356 -1.38 30.97 5.62
N LEU A 357 -0.24 31.64 5.76
CA LEU A 357 -0.23 33.02 6.22
C LEU A 357 1.09 33.67 5.84
N GLY A 358 1.03 34.96 5.56
CA GLY A 358 2.20 35.71 5.14
C GLY A 358 1.77 37.02 4.49
N LYS A 359 2.66 37.55 3.66
CA LYS A 359 2.36 38.76 2.92
C LYS A 359 3.27 38.87 1.70
N VAL A 360 2.71 39.38 0.61
CA VAL A 360 3.53 39.86 -0.50
C VAL A 360 3.90 41.31 -0.22
N THR A 361 4.94 41.79 -0.91
CA THR A 361 5.47 43.12 -0.66
C THR A 361 5.94 43.73 -1.98
N TYR A 362 5.97 45.05 -2.00
CA TYR A 362 6.42 45.82 -3.16
C TYR A 362 7.11 47.07 -2.61
N LYS A 363 7.58 47.94 -3.50
CA LYS A 363 8.19 49.20 -3.08
C LYS A 363 7.36 49.86 -2.00
N ASP A 364 8.05 50.58 -1.11
CA ASP A 364 7.40 51.30 -0.01
C ASP A 364 6.58 50.34 0.85
N SER A 365 5.50 50.84 1.45
CA SER A 365 4.71 50.07 2.40
C SER A 365 3.65 49.19 1.74
N THR A 366 3.70 49.05 0.42
CA THR A 366 2.72 48.21 -0.27
C THR A 366 2.77 46.79 0.29
N SER A 367 1.61 46.26 0.66
CA SER A 367 1.52 44.92 1.23
C SER A 367 0.11 44.38 1.02
N ASN A 368 0.03 43.09 0.77
CA ASN A 368 -1.25 42.41 0.57
C ASN A 368 -1.24 41.10 1.34
N PRO A 369 -2.41 40.61 1.75
CA PRO A 369 -2.45 39.35 2.49
C PRO A 369 -2.28 38.15 1.58
N LEU A 370 -1.78 37.07 2.15
CA LEU A 370 -1.64 35.79 1.47
C LEU A 370 -2.56 34.78 2.12
N SER A 371 -3.17 33.92 1.31
CA SER A 371 -4.13 32.95 1.80
C SER A 371 -3.93 31.62 1.08
N VAL A 372 -4.52 30.57 1.66
CA VAL A 372 -4.33 29.23 1.12
C VAL A 372 -4.56 29.17 -0.38
N ASP A 373 -5.47 30.01 -0.89
CA ASP A 373 -5.75 30.02 -2.31
C ASP A 373 -4.66 30.73 -3.12
N ASN A 374 -3.66 31.33 -2.47
CA ASN A 374 -2.55 31.96 -3.16
C ASN A 374 -1.31 31.08 -3.25
N THR A 375 -1.41 29.81 -2.88
CA THR A 375 -0.25 28.93 -2.80
C THR A 375 -0.51 27.61 -3.50
N LEU A 376 0.53 27.06 -4.12
CA LEU A 376 0.52 25.73 -4.71
C LEU A 376 1.49 24.87 -3.93
N TRP A 377 1.04 23.70 -3.48
CA TRP A 377 1.76 22.91 -2.50
C TRP A 377 2.28 21.60 -3.08
N ALA A 378 3.52 21.27 -2.72
CA ALA A 378 4.09 19.94 -2.90
C ALA A 378 3.78 19.35 -4.26
N ASN A 379 3.36 18.08 -4.30
CA ASN A 379 3.18 17.35 -5.53
C ASN A 379 1.83 17.60 -6.18
N THR A 380 1.11 18.64 -5.78
CA THR A 380 -0.07 19.04 -6.52
C THR A 380 0.33 19.40 -7.95
N VAL A 381 -0.46 18.93 -8.91
CA VAL A 381 -0.13 19.05 -10.33
C VAL A 381 -0.91 20.21 -10.93
N LEU A 382 -0.20 21.14 -11.57
CA LEU A 382 -0.88 22.20 -12.31
C LEU A 382 -1.72 21.59 -13.42
N ALA A 383 -2.91 22.16 -13.63
CA ALA A 383 -3.88 21.59 -14.56
C ALA A 383 -4.45 22.67 -15.47
N SER A 384 -4.52 22.35 -16.76
CA SER A 384 -5.29 23.11 -17.73
C SER A 384 -5.03 24.61 -17.64
N SER A 385 -3.80 25.02 -17.95
CA SER A 385 -3.49 26.44 -18.04
C SER A 385 -2.21 26.60 -18.85
N GLY A 386 -1.98 27.82 -19.31
CA GLY A 386 -0.80 28.12 -20.10
C GLY A 386 0.47 28.06 -19.29
N PHE A 387 0.63 28.98 -18.33
CA PHE A 387 1.80 29.00 -17.47
C PHE A 387 1.53 29.97 -16.32
N CYS A 388 2.44 29.96 -15.35
CA CYS A 388 2.36 30.88 -14.22
C CYS A 388 3.75 31.02 -13.61
N ILE A 389 3.94 32.11 -12.86
CA ILE A 389 5.22 32.46 -12.26
C ILE A 389 5.08 32.39 -10.75
N ALA A 390 5.93 31.59 -10.12
CA ALA A 390 5.86 31.38 -8.68
C ALA A 390 7.26 31.28 -8.10
N CYS A 391 7.44 31.87 -6.93
CA CYS A 391 8.69 31.77 -6.18
C CYS A 391 8.50 30.86 -4.99
N VAL A 392 9.28 29.77 -4.94
CA VAL A 392 9.15 28.80 -3.87
C VAL A 392 9.27 29.50 -2.52
N VAL A 393 8.55 29.00 -1.53
CA VAL A 393 8.55 29.56 -0.18
C VAL A 393 9.18 28.59 0.82
N TYR A 394 8.73 27.34 0.82
CA TYR A 394 9.28 26.30 1.67
C TYR A 394 9.94 25.23 0.80
N THR A 395 10.90 24.52 1.37
CA THR A 395 11.53 23.42 0.66
C THR A 395 12.36 22.60 1.63
N GLY A 396 12.67 21.37 1.24
CA GLY A 396 13.58 20.55 2.00
C GLY A 396 13.04 20.12 3.34
N ARG A 397 12.02 19.26 3.34
CA ARG A 397 11.42 18.75 4.57
C ARG A 397 10.65 19.87 5.28
N ASP A 398 10.48 21.00 4.62
CA ASP A 398 9.54 22.02 5.06
C ASP A 398 8.26 22.02 4.24
N THR A 399 8.15 21.13 3.26
CA THR A 399 6.96 21.06 2.44
C THR A 399 5.79 20.49 3.23
N ARG A 400 4.58 20.83 2.81
CA ARG A 400 3.39 20.26 3.42
C ARG A 400 3.24 18.77 3.10
N GLN A 401 4.02 18.25 2.15
CA GLN A 401 4.03 16.82 1.89
C GLN A 401 4.98 16.09 2.83
N ALA A 402 6.16 16.65 3.06
CA ALA A 402 7.13 16.00 3.94
C ALA A 402 6.75 16.17 5.41
N MET A 403 6.23 17.33 5.79
CA MET A 403 5.91 17.55 7.19
C MET A 403 4.83 16.58 7.68
N ASN A 404 3.89 16.24 6.83
CA ASN A 404 2.83 15.29 7.17
C ASN A 404 3.22 13.87 6.79
N THR A 405 4.31 13.38 7.38
CA THR A 405 4.78 12.02 7.11
C THR A 405 5.77 11.63 8.21
N THR A 406 5.50 10.49 8.85
CA THR A 406 6.33 10.05 9.97
C THR A 406 7.63 9.42 9.45
N THR A 407 8.63 9.39 10.33
CA THR A 407 9.90 8.79 10.00
C THR A 407 9.76 7.28 9.80
N ALA A 408 10.45 6.76 8.79
CA ALA A 408 10.37 5.34 8.49
C ALA A 408 10.96 4.51 9.62
N LYS A 409 10.37 3.34 9.84
CA LYS A 409 10.82 2.41 10.87
C LYS A 409 11.01 1.04 10.25
N VAL A 410 12.09 0.35 10.65
CA VAL A 410 12.33 -1.01 10.17
C VAL A 410 11.26 -1.94 10.72
N LYS A 411 10.95 -2.98 9.96
CA LYS A 411 9.89 -3.91 10.30
C LYS A 411 10.43 -5.34 10.28
N THR A 412 9.80 -6.21 11.07
CA THR A 412 10.22 -7.59 11.22
C THR A 412 9.06 -8.52 10.89
N GLY A 413 9.38 -9.71 10.38
CA GLY A 413 8.36 -10.61 9.91
C GLY A 413 7.74 -11.43 11.03
N LEU A 414 6.45 -11.75 10.85
CA LEU A 414 5.77 -12.63 11.79
C LEU A 414 6.44 -13.99 11.86
N LEU A 415 6.93 -14.49 10.72
CA LEU A 415 7.66 -15.74 10.73
C LEU A 415 8.94 -15.62 11.55
N GLU A 416 9.64 -14.50 11.44
CA GLU A 416 10.82 -14.29 12.28
C GLU A 416 10.44 -14.30 13.76
N LEU A 417 9.36 -13.62 14.12
CA LEU A 417 8.94 -13.62 15.52
C LEU A 417 8.60 -15.03 16.00
N GLU A 418 7.88 -15.80 15.17
CA GLU A 418 7.52 -17.15 15.57
C GLU A 418 8.75 -18.03 15.73
N ILE A 419 9.71 -17.93 14.79
CA ILE A 419 10.92 -18.73 14.90
C ILE A 419 11.71 -18.33 16.13
N ASN A 420 11.71 -17.04 16.48
CA ASN A 420 12.34 -16.63 17.74
C ASN A 420 11.65 -17.27 18.93
N SER A 421 10.31 -17.26 18.93
CA SER A 421 9.57 -17.78 20.08
C SER A 421 9.77 -19.28 20.24
N ILE A 422 9.99 -20.00 19.14
CA ILE A 422 10.25 -21.44 19.28
C ILE A 422 11.73 -21.71 19.50
N SER A 423 12.63 -20.83 19.04
CA SER A 423 14.05 -21.01 19.32
C SER A 423 14.34 -20.84 20.79
N LYS A 424 13.61 -19.95 21.47
CA LYS A 424 13.72 -19.91 22.92
C LYS A 424 13.48 -21.28 23.53
N ILE A 425 12.38 -21.93 23.14
CA ILE A 425 12.04 -23.24 23.69
C ILE A 425 13.11 -24.26 23.32
N LEU A 426 13.63 -24.17 22.09
CA LEU A 426 14.62 -25.16 21.66
C LEU A 426 15.92 -25.01 22.44
N CYS A 427 16.34 -23.78 22.69
CA CYS A 427 17.53 -23.55 23.51
C CYS A 427 17.31 -24.10 24.91
N ALA A 428 16.14 -23.85 25.49
CA ALA A 428 15.83 -24.43 26.79
C ALA A 428 15.87 -25.96 26.74
N CYS A 429 15.35 -26.55 25.66
CA CYS A 429 15.29 -28.00 25.54
C CYS A 429 16.69 -28.61 25.50
N VAL A 430 17.56 -28.05 24.65
CA VAL A 430 18.91 -28.60 24.56
C VAL A 430 19.70 -28.33 25.84
N PHE A 431 19.47 -27.19 26.51
CA PHE A 431 20.11 -26.99 27.80
C PHE A 431 19.65 -28.04 28.81
N ALA A 432 18.36 -28.37 28.80
CA ALA A 432 17.86 -29.42 29.68
C ALA A 432 18.49 -30.76 29.35
N LEU A 433 18.63 -31.07 28.07
CA LEU A 433 19.26 -32.33 27.69
C LEU A 433 20.72 -32.38 28.15
N SER A 434 21.44 -31.27 28.02
CA SER A 434 22.82 -31.22 28.49
C SER A 434 22.88 -31.44 30.00
N ILE A 435 22.00 -30.77 30.75
CA ILE A 435 21.97 -30.98 32.18
C ILE A 435 21.71 -32.44 32.51
N LEU A 436 20.75 -33.04 31.82
CA LEU A 436 20.44 -34.45 32.04
C LEU A 436 21.66 -35.31 31.79
N LEU A 437 22.36 -35.08 30.68
CA LEU A 437 23.52 -35.91 30.34
C LEU A 437 24.61 -35.78 31.39
N VAL A 438 24.94 -34.54 31.78
CA VAL A 438 26.02 -34.36 32.74
C VAL A 438 25.66 -34.95 34.09
N ALA A 439 24.43 -34.71 34.56
CA ALA A 439 24.02 -35.28 35.84
C ALA A 439 23.97 -36.80 35.80
N PHE A 440 23.57 -37.38 34.66
CA PHE A 440 23.54 -38.82 34.53
C PHE A 440 24.96 -39.40 34.61
N ALA A 441 25.88 -38.83 33.83
CA ALA A 441 27.25 -39.34 33.86
C ALA A 441 27.88 -39.18 35.24
N GLY A 442 27.75 -38.00 35.84
CA GLY A 442 28.20 -37.79 37.20
C GLY A 442 29.68 -37.48 37.33
N PHE A 443 30.54 -38.43 36.92
CA PHE A 443 31.98 -38.32 37.12
C PHE A 443 32.69 -37.60 35.99
N HIS A 444 32.00 -36.74 35.25
CA HIS A 444 32.61 -36.02 34.14
C HIS A 444 33.41 -34.84 34.69
N ASN A 445 34.60 -35.13 35.22
CA ASN A 445 35.58 -34.11 35.58
C ASN A 445 35.21 -33.31 36.82
N ASP A 446 33.99 -33.50 37.34
CA ASP A 446 33.54 -32.86 38.56
C ASP A 446 33.42 -31.33 38.44
N ASP A 447 33.85 -30.77 37.31
CA ASP A 447 33.60 -29.36 37.03
C ASP A 447 32.36 -29.26 36.15
N TRP A 448 31.23 -29.74 36.67
CA TRP A 448 30.07 -30.04 35.81
C TRP A 448 29.58 -28.82 35.05
N TYR A 449 29.80 -27.61 35.56
CA TYR A 449 29.31 -26.44 34.85
C TYR A 449 30.01 -26.26 33.51
N ILE A 450 31.32 -26.44 33.47
CA ILE A 450 32.03 -26.33 32.19
C ILE A 450 31.56 -27.41 31.23
N ASP A 451 31.27 -28.61 31.75
CA ASP A 451 30.82 -29.68 30.86
C ASP A 451 29.44 -29.40 30.27
N ILE A 452 28.51 -28.90 31.10
CA ILE A 452 27.20 -28.56 30.55
C ILE A 452 27.33 -27.42 29.55
N LEU A 453 28.21 -26.46 29.82
CA LEU A 453 28.43 -25.39 28.85
C LEU A 453 28.97 -25.95 27.54
N ARG A 454 29.94 -26.86 27.61
CA ARG A 454 30.51 -27.45 26.40
C ARG A 454 29.45 -28.20 25.61
N TYR A 455 28.62 -28.99 26.31
CA TYR A 455 27.58 -29.73 25.61
C TYR A 455 26.54 -28.79 25.00
N LEU A 456 26.22 -27.69 25.69
CA LEU A 456 25.30 -26.72 25.12
C LEU A 456 25.88 -26.13 23.84
N ILE A 457 27.16 -25.77 23.87
CA ILE A 457 27.80 -25.20 22.67
C ILE A 457 27.84 -26.22 21.55
N LEU A 458 28.04 -27.50 21.87
CA LEU A 458 28.02 -28.53 20.84
C LEU A 458 26.64 -28.66 20.21
N PHE A 459 25.61 -28.78 21.04
CA PHE A 459 24.27 -28.99 20.52
C PHE A 459 23.74 -27.76 19.79
N SER A 460 24.24 -26.58 20.12
CA SER A 460 23.77 -25.34 19.51
C SER A 460 24.61 -24.88 18.33
N THR A 461 25.57 -25.68 17.88
CA THR A 461 26.46 -25.23 16.82
C THR A 461 25.78 -25.29 15.45
N ILE A 462 24.72 -26.08 15.30
CA ILE A 462 24.10 -26.27 14.00
C ILE A 462 22.84 -25.42 13.85
N ILE A 463 21.92 -25.54 14.80
CA ILE A 463 20.53 -25.14 14.59
C ILE A 463 20.42 -23.65 14.26
N PRO A 464 20.75 -22.73 15.18
CA PRO A 464 20.48 -21.31 14.89
C PRO A 464 21.33 -20.74 13.78
N VAL A 465 22.62 -21.08 13.74
CA VAL A 465 23.50 -20.49 12.73
C VAL A 465 23.15 -21.00 11.35
N SER A 466 22.63 -22.24 11.26
CA SER A 466 22.12 -22.71 9.97
C SER A 466 20.76 -22.11 9.66
N LEU A 467 19.95 -21.84 10.70
CA LEU A 467 18.64 -21.27 10.48
C LEU A 467 18.74 -19.89 9.86
N ARG A 468 19.64 -19.05 10.36
CA ARG A 468 19.79 -17.72 9.78
C ARG A 468 20.26 -17.80 8.33
N VAL A 469 21.23 -18.67 8.04
CA VAL A 469 21.70 -18.80 6.66
C VAL A 469 20.54 -19.20 5.75
N ASN A 470 19.79 -20.23 6.16
CA ASN A 470 18.72 -20.73 5.30
C ASN A 470 17.64 -19.67 5.08
N LEU A 471 17.23 -18.98 6.15
CA LEU A 471 16.18 -17.97 6.00
C LEU A 471 16.65 -16.81 5.15
N ASP A 472 17.88 -16.34 5.37
CA ASP A 472 18.33 -15.14 4.67
C ASP A 472 18.72 -15.46 3.22
N LEU A 473 18.95 -16.73 2.89
CA LEU A 473 19.17 -17.09 1.50
C LEU A 473 17.92 -17.65 0.84
N ALA A 474 16.83 -17.82 1.59
CA ALA A 474 15.55 -18.12 0.96
C ALA A 474 14.75 -16.83 0.73
N LYS A 475 14.99 -15.82 1.56
CA LYS A 475 14.38 -14.52 1.30
C LYS A 475 14.81 -13.99 -0.07
N SER A 476 16.05 -14.26 -0.47
CA SER A 476 16.49 -13.85 -1.80
C SER A 476 15.68 -14.53 -2.88
N VAL A 477 15.41 -15.83 -2.73
CA VAL A 477 14.59 -16.52 -3.73
C VAL A 477 13.19 -15.95 -3.75
N TYR A 478 12.61 -15.68 -2.57
CA TYR A 478 11.27 -15.10 -2.53
C TYR A 478 11.25 -13.76 -3.26
N ALA A 479 12.21 -12.88 -2.96
CA ALA A 479 12.23 -11.56 -3.57
C ALA A 479 12.44 -11.67 -5.07
N HIS A 480 13.33 -12.56 -5.52
CA HIS A 480 13.56 -12.73 -6.94
C HIS A 480 12.30 -13.24 -7.64
N GLN A 481 11.59 -14.17 -7.01
CA GLN A 481 10.37 -14.69 -7.62
C GLN A 481 9.30 -13.61 -7.72
N ILE A 482 9.18 -12.76 -6.68
CA ILE A 482 8.23 -11.65 -6.75
C ILE A 482 8.63 -10.69 -7.87
N GLU A 483 9.91 -10.32 -7.91
CA GLU A 483 10.36 -9.28 -8.83
C GLU A 483 10.36 -9.76 -10.28
N HIS A 484 10.32 -11.07 -10.51
CA HIS A 484 10.54 -11.61 -11.84
C HIS A 484 9.27 -12.09 -12.52
N ASP A 485 8.22 -12.42 -11.75
CA ASP A 485 7.02 -13.01 -12.32
C ASP A 485 6.43 -12.07 -13.37
N LYS A 486 6.06 -12.64 -14.53
CA LYS A 486 5.46 -11.85 -15.60
C LYS A 486 3.96 -11.67 -15.44
N THR A 487 3.31 -12.46 -14.57
CA THR A 487 1.91 -12.21 -14.26
C THR A 487 1.72 -11.03 -13.32
N ILE A 488 2.78 -10.61 -12.65
CA ILE A 488 2.78 -9.41 -11.82
C ILE A 488 3.98 -8.57 -12.24
N PRO A 489 4.03 -8.12 -13.49
CA PRO A 489 5.25 -7.50 -14.00
C PRO A 489 5.56 -6.19 -13.32
N GLU A 490 6.86 -5.87 -13.28
CA GLU A 490 7.36 -4.59 -12.77
C GLU A 490 7.06 -4.41 -11.28
N THR A 491 6.73 -5.48 -10.58
CA THR A 491 6.45 -5.39 -9.14
C THR A 491 7.74 -5.46 -8.34
N ILE A 492 8.68 -4.55 -8.61
CA ILE A 492 9.99 -4.59 -7.97
C ILE A 492 9.81 -4.37 -6.47
N VAL A 493 10.45 -5.22 -5.67
CA VAL A 493 10.31 -5.14 -4.22
C VAL A 493 11.34 -4.20 -3.63
N ARG A 494 10.92 -3.41 -2.65
CA ARG A 494 11.78 -2.41 -2.04
C ARG A 494 12.47 -2.90 -0.78
N THR A 495 11.76 -3.60 0.10
CA THR A 495 12.30 -4.09 1.35
C THR A 495 12.47 -5.60 1.25
N SER A 496 13.73 -6.05 1.20
CA SER A 496 14.00 -7.48 1.06
C SER A 496 13.46 -8.29 2.23
N THR A 497 13.37 -7.70 3.42
CA THR A 497 12.79 -8.39 4.55
C THR A 497 11.26 -8.40 4.44
N ILE A 498 10.64 -9.20 5.29
CA ILE A 498 9.20 -9.41 5.32
C ILE A 498 8.62 -9.74 3.94
N PRO A 499 9.26 -10.59 3.14
CA PRO A 499 8.57 -11.09 1.94
C PRO A 499 7.62 -12.23 2.26
N GLU A 500 7.81 -12.90 3.39
CA GLU A 500 6.94 -13.99 3.82
C GLU A 500 5.80 -13.51 4.70
N ASP A 501 5.85 -12.25 5.15
CA ASP A 501 4.75 -11.71 5.94
C ASP A 501 3.46 -11.66 5.14
N LEU A 502 3.55 -11.33 3.86
CA LEU A 502 2.43 -11.59 2.96
C LEU A 502 2.08 -13.06 3.02
N GLY A 503 0.80 -13.35 3.18
CA GLY A 503 0.34 -14.70 3.48
C GLY A 503 -0.22 -14.84 4.87
N ARG A 504 -0.04 -13.85 5.73
CA ARG A 504 -0.66 -13.81 7.05
C ARG A 504 -1.33 -12.45 7.28
N ILE A 505 -1.86 -11.86 6.21
CA ILE A 505 -2.53 -10.57 6.27
C ILE A 505 -4.02 -10.80 6.48
N GLU A 506 -4.58 -10.08 7.46
CA GLU A 506 -6.00 -10.19 7.77
C GLU A 506 -6.77 -8.89 7.60
N TYR A 507 -6.11 -7.74 7.61
CA TYR A 507 -6.76 -6.45 7.36
C TYR A 507 -6.06 -5.75 6.21
N LEU A 508 -6.84 -5.00 5.43
CA LEU A 508 -6.34 -4.34 4.23
C LEU A 508 -7.01 -2.98 4.13
N LEU A 509 -6.32 -1.93 4.59
CA LEU A 509 -6.82 -0.57 4.51
C LEU A 509 -6.43 0.00 3.16
N SER A 510 -7.41 0.26 2.31
CA SER A 510 -7.18 0.64 0.92
C SER A 510 -7.56 2.09 0.68
N ASP A 511 -6.76 2.76 -0.16
CA ASP A 511 -7.10 4.10 -0.61
C ASP A 511 -8.08 4.03 -1.77
N LYS A 512 -8.80 5.13 -1.98
CA LYS A 512 -9.75 5.22 -3.08
C LYS A 512 -9.14 5.82 -4.33
N THR A 513 -8.62 7.03 -4.23
CA THR A 513 -8.09 7.73 -5.40
C THR A 513 -6.78 7.06 -5.85
N GLY A 514 -6.72 6.69 -7.12
CA GLY A 514 -5.56 6.04 -7.66
C GLY A 514 -5.62 4.53 -7.57
N THR A 515 -5.72 3.99 -6.35
CA THR A 515 -5.75 2.54 -6.18
C THR A 515 -7.04 1.96 -6.74
N LEU A 516 -8.16 2.63 -6.51
CA LEU A 516 -9.47 2.11 -6.87
C LEU A 516 -10.09 2.84 -8.05
N THR A 517 -10.09 4.16 -8.03
CA THR A 517 -10.65 4.96 -9.12
C THR A 517 -9.54 5.67 -9.87
N GLN A 518 -9.61 5.59 -11.20
CA GLN A 518 -8.66 6.29 -12.06
C GLN A 518 -8.89 7.79 -12.09
N ASN A 519 -9.88 8.30 -11.34
CA ASN A 519 -10.31 9.69 -11.36
C ASN A 519 -10.76 10.11 -12.76
N ASP A 520 -10.95 9.12 -13.65
CA ASP A 520 -11.58 9.39 -14.93
C ASP A 520 -13.09 9.17 -14.82
N MET A 521 -13.86 10.03 -15.48
CA MET A 521 -15.31 10.01 -15.35
C MET A 521 -15.96 10.24 -16.70
N GLN A 522 -17.18 9.71 -16.85
CA GLN A 522 -17.93 9.87 -18.08
C GLN A 522 -19.40 9.65 -17.77
N LEU A 523 -20.26 10.16 -18.65
CA LEU A 523 -21.70 9.97 -18.50
C LEU A 523 -22.04 8.55 -18.95
N LYS A 524 -22.04 7.61 -18.00
CA LYS A 524 -22.34 6.23 -18.36
C LYS A 524 -23.73 6.11 -18.97
N LYS A 525 -24.72 6.78 -18.38
CA LYS A 525 -26.09 6.62 -18.83
C LYS A 525 -26.89 7.86 -18.46
N ILE A 526 -27.82 8.23 -19.33
CA ILE A 526 -28.68 9.39 -19.13
C ILE A 526 -30.12 8.93 -19.27
N HIS A 527 -30.97 9.33 -18.32
CA HIS A 527 -32.37 8.98 -18.32
C HIS A 527 -33.20 10.25 -18.23
N LEU A 528 -34.27 10.32 -19.04
CA LEU A 528 -35.05 11.55 -19.16
C LEU A 528 -36.54 11.28 -19.21
N GLY A 529 -36.99 10.17 -18.63
CA GLY A 529 -38.41 9.87 -18.55
C GLY A 529 -38.79 8.54 -19.15
N THR A 530 -39.52 8.57 -20.27
CA THR A 530 -40.04 7.35 -20.86
C THR A 530 -38.94 6.39 -21.29
N VAL A 531 -37.74 6.89 -21.60
CA VAL A 531 -36.64 6.05 -22.05
C VAL A 531 -35.35 6.49 -21.38
N SER A 532 -34.27 5.80 -21.73
CA SER A 532 -32.93 6.16 -21.27
C SER A 532 -31.95 5.89 -22.40
N TYR A 533 -30.81 6.56 -22.33
CA TYR A 533 -29.74 6.40 -23.32
C TYR A 533 -28.43 6.10 -22.61
N THR A 534 -27.74 5.06 -23.06
CA THR A 534 -26.45 4.69 -22.53
C THR A 534 -25.35 5.30 -23.39
N SER A 535 -24.14 5.36 -22.84
CA SER A 535 -23.01 5.91 -23.58
C SER A 535 -22.79 5.18 -24.90
N GLU A 536 -23.05 3.87 -24.93
CA GLU A 536 -22.90 3.11 -26.16
C GLU A 536 -23.92 3.48 -27.22
N THR A 537 -25.07 4.03 -26.82
CA THR A 537 -26.12 4.40 -27.74
C THR A 537 -26.04 5.87 -28.16
N LEU A 538 -24.83 6.41 -28.24
CA LEU A 538 -24.66 7.83 -28.55
C LEU A 538 -25.27 8.20 -29.90
N ASP A 539 -25.47 7.22 -30.78
CA ASP A 539 -25.92 7.53 -32.13
C ASP A 539 -27.28 8.23 -32.14
N ILE A 540 -28.22 7.75 -31.34
CA ILE A 540 -29.58 8.30 -31.35
C ILE A 540 -29.56 9.75 -30.90
N VAL A 541 -28.95 10.01 -29.74
CA VAL A 541 -28.88 11.38 -29.24
C VAL A 541 -28.06 12.25 -30.19
N SER A 542 -27.10 11.65 -30.90
CA SER A 542 -26.28 12.41 -31.83
C SER A 542 -27.12 12.92 -32.99
N ASP A 543 -27.87 12.04 -33.64
CA ASP A 543 -28.69 12.51 -34.76
C ASP A 543 -29.84 13.38 -34.27
N TYR A 544 -30.26 13.20 -33.01
CA TYR A 544 -31.26 14.10 -32.44
C TYR A 544 -30.70 15.53 -32.31
N VAL A 545 -29.53 15.66 -31.70
CA VAL A 545 -28.97 16.99 -31.46
C VAL A 545 -28.55 17.64 -32.77
N GLN A 546 -28.02 16.86 -33.72
CA GLN A 546 -27.60 17.44 -35.00
C GLN A 546 -28.75 18.19 -35.66
N SER A 547 -29.99 17.77 -35.42
CA SER A 547 -31.16 18.48 -35.94
C SER A 547 -31.66 19.56 -34.98
N LEU A 548 -30.87 19.94 -33.98
CA LEU A 548 -31.31 20.97 -33.04
C LEU A 548 -31.58 22.29 -33.76
N VAL A 549 -30.70 22.68 -34.68
CA VAL A 549 -30.85 23.94 -35.40
C VAL A 549 -31.69 23.71 -36.66
N ASP A 569 -41.37 13.92 -31.46
CA ASP A 569 -42.06 13.84 -30.18
C ASP A 569 -41.06 13.88 -29.03
N MET A 570 -40.12 12.94 -29.03
CA MET A 570 -39.10 12.90 -27.99
C MET A 570 -37.92 13.82 -28.29
N SER A 571 -37.89 14.42 -29.49
CA SER A 571 -36.85 15.38 -29.80
C SER A 571 -36.90 16.57 -28.85
N PHE A 572 -38.12 17.06 -28.58
CA PHE A 572 -38.26 18.20 -27.68
C PHE A 572 -37.80 17.88 -26.26
N ARG A 573 -37.63 16.59 -25.94
CA ARG A 573 -37.04 16.20 -24.66
C ARG A 573 -35.52 16.12 -24.77
N VAL A 574 -35.03 15.31 -25.71
CA VAL A 574 -33.60 15.01 -25.76
C VAL A 574 -32.80 16.25 -26.14
N ARG A 575 -33.26 17.00 -27.16
CA ARG A 575 -32.52 18.16 -27.63
C ARG A 575 -32.36 19.19 -26.52
N ASP A 576 -33.44 19.44 -25.78
CA ASP A 576 -33.35 20.40 -24.68
C ASP A 576 -32.56 19.85 -23.50
N MET A 577 -32.61 18.55 -23.25
CA MET A 577 -31.76 17.97 -22.21
C MET A 577 -30.29 18.23 -22.51
N ILE A 578 -29.89 17.98 -23.76
CA ILE A 578 -28.48 18.18 -24.11
C ILE A 578 -28.14 19.67 -24.13
N LEU A 579 -29.06 20.50 -24.64
CA LEU A 579 -28.79 21.94 -24.69
C LEU A 579 -28.68 22.53 -23.30
N THR A 580 -29.28 21.89 -22.29
CA THR A 580 -29.12 22.35 -20.92
C THR A 580 -27.86 21.79 -20.28
N LEU A 581 -27.55 20.52 -20.56
CA LEU A 581 -26.30 19.95 -20.06
C LEU A 581 -25.11 20.76 -20.55
N ALA A 582 -25.19 21.27 -21.78
CA ALA A 582 -24.04 21.97 -22.36
C ALA A 582 -23.97 23.43 -21.94
N ILE A 583 -24.89 23.93 -21.12
CA ILE A 583 -24.91 25.34 -20.77
C ILE A 583 -24.90 25.55 -19.26
N CYS A 584 -25.39 24.56 -18.50
CA CYS A 584 -25.49 24.69 -17.05
C CYS A 584 -24.29 24.03 -16.37
N HIS A 585 -23.23 24.82 -16.23
CA HIS A 585 -22.00 24.35 -15.60
C HIS A 585 -21.07 25.54 -15.40
N ASN A 586 -19.88 25.26 -14.86
CA ASN A 586 -18.90 26.28 -14.55
C ASN A 586 -17.59 26.08 -15.32
N VAL A 587 -17.62 25.35 -16.43
CA VAL A 587 -16.41 25.05 -17.18
C VAL A 587 -15.98 26.27 -17.97
N THR A 588 -14.69 26.35 -18.27
CA THR A 588 -14.12 27.43 -19.06
C THR A 588 -13.12 26.84 -20.05
N PRO A 589 -13.44 26.76 -21.35
CA PRO A 589 -12.48 26.19 -22.30
C PRO A 589 -11.54 27.25 -22.85
N THR A 590 -10.32 26.81 -23.16
CA THR A 590 -9.30 27.67 -23.73
C THR A 590 -8.50 26.88 -24.75
N PHE A 591 -7.94 27.60 -25.72
CA PHE A 591 -7.17 26.99 -26.80
C PHE A 591 -5.69 27.26 -26.60
N GLU A 592 -4.92 26.19 -26.42
CA GLU A 592 -3.46 26.26 -26.56
C GLU A 592 -3.03 26.02 -27.99
N ASP A 593 -3.80 25.22 -28.72
CA ASP A 593 -3.53 24.89 -30.12
C ASP A 593 -4.86 24.63 -30.81
N ASP A 594 -4.82 23.97 -31.97
CA ASP A 594 -6.06 23.63 -32.67
C ASP A 594 -7.05 22.87 -31.78
N GLU A 595 -6.60 22.33 -30.65
CA GLU A 595 -7.46 21.56 -29.76
C GLU A 595 -7.77 22.37 -28.51
N LEU A 596 -8.97 22.17 -27.96
CA LEU A 596 -9.40 22.90 -26.77
C LEU A 596 -9.29 22.01 -25.53
N THR A 597 -9.13 22.65 -24.38
CA THR A 597 -9.02 21.96 -23.10
C THR A 597 -9.93 22.64 -22.10
N TYR A 598 -10.30 21.89 -21.06
CA TYR A 598 -11.31 22.32 -20.10
C TYR A 598 -10.67 22.62 -18.75
N GLN A 599 -10.89 23.83 -18.25
CA GLN A 599 -10.58 24.20 -16.88
C GLN A 599 -11.90 24.35 -16.13
N ALA A 600 -12.14 23.47 -15.15
CA ALA A 600 -13.40 23.46 -14.45
C ALA A 600 -13.16 23.10 -12.99
N ALA A 601 -14.11 23.49 -12.14
CA ALA A 601 -13.97 23.28 -10.71
C ALA A 601 -14.36 21.87 -10.26
N SER A 602 -14.85 21.01 -11.16
CA SER A 602 -15.28 19.70 -10.73
C SER A 602 -15.24 18.73 -11.91
N PRO A 603 -14.77 17.50 -11.68
CA PRO A 603 -14.86 16.49 -12.75
C PRO A 603 -16.27 16.19 -13.19
N ASP A 604 -17.27 16.42 -12.32
CA ASP A 604 -18.66 16.26 -12.76
C ASP A 604 -18.96 17.19 -13.93
N GLU A 605 -18.67 18.48 -13.76
CA GLU A 605 -18.85 19.42 -14.87
C GLU A 605 -17.98 19.05 -16.06
N ILE A 606 -16.73 18.66 -15.80
CA ILE A 606 -15.84 18.27 -16.90
C ILE A 606 -16.49 17.18 -17.74
N ALA A 607 -17.00 16.14 -17.08
CA ALA A 607 -17.57 15.00 -17.79
C ALA A 607 -18.86 15.40 -18.50
N ILE A 608 -19.67 16.26 -17.89
CA ILE A 608 -20.90 16.69 -18.55
C ILE A 608 -20.56 17.41 -19.86
N VAL A 609 -19.63 18.36 -19.80
CA VAL A 609 -19.29 19.10 -21.01
C VAL A 609 -18.61 18.19 -22.03
N LYS A 610 -17.81 17.23 -21.56
CA LYS A 610 -17.20 16.30 -22.49
C LYS A 610 -18.23 15.43 -23.20
N PHE A 611 -19.27 14.99 -22.48
CA PHE A 611 -20.35 14.25 -23.11
C PHE A 611 -21.06 15.10 -24.15
N THR A 612 -21.31 16.37 -23.82
CA THR A 612 -21.95 17.25 -24.80
C THR A 612 -21.08 17.40 -26.04
N GLU A 613 -19.77 17.57 -25.85
CA GLU A 613 -18.85 17.69 -26.98
C GLU A 613 -18.86 16.42 -27.81
N SER A 614 -18.84 15.25 -27.14
CA SER A 614 -18.85 13.99 -27.86
C SER A 614 -20.12 13.83 -28.69
N VAL A 615 -21.28 14.18 -28.13
CA VAL A 615 -22.53 14.10 -28.87
C VAL A 615 -22.67 15.21 -29.88
N GLY A 616 -21.77 16.19 -29.88
CA GLY A 616 -21.67 17.15 -30.96
C GLY A 616 -22.00 18.59 -30.62
N LEU A 617 -22.65 18.84 -29.49
CA LEU A 617 -22.96 20.20 -29.06
C LEU A 617 -21.84 20.68 -28.14
N SER A 618 -20.67 20.88 -28.72
CA SER A 618 -19.46 21.14 -27.95
C SER A 618 -19.44 22.57 -27.41
N LEU A 619 -18.95 22.73 -26.19
CA LEU A 619 -18.69 24.05 -25.64
C LEU A 619 -17.39 24.58 -26.24
N PHE A 620 -17.41 25.84 -26.67
CA PHE A 620 -16.32 26.39 -27.48
C PHE A 620 -15.78 27.70 -26.93
N LYS A 621 -16.57 28.42 -26.14
CA LYS A 621 -16.15 29.72 -25.64
C LYS A 621 -16.85 29.99 -24.32
N ARG A 622 -16.21 30.81 -23.49
CA ARG A 622 -16.74 31.14 -22.17
C ARG A 622 -16.14 32.45 -21.70
N ASP A 623 -16.94 33.22 -20.98
CA ASP A 623 -16.48 34.43 -20.31
C ASP A 623 -17.65 35.01 -19.55
N ARG A 624 -17.34 35.87 -18.59
CA ARG A 624 -18.40 36.59 -17.89
C ARG A 624 -19.26 37.36 -18.90
N HIS A 625 -20.57 37.19 -18.79
CA HIS A 625 -21.54 37.83 -19.67
C HIS A 625 -21.55 37.21 -21.07
N SER A 626 -21.18 35.93 -21.20
CA SER A 626 -21.30 35.26 -22.49
C SER A 626 -21.05 33.77 -22.31
N ILE A 627 -21.90 32.95 -22.92
CA ILE A 627 -21.73 31.50 -22.96
C ILE A 627 -22.17 31.03 -24.34
N SER A 628 -21.36 30.19 -24.97
CA SER A 628 -21.57 29.85 -26.36
C SER A 628 -21.30 28.37 -26.60
N LEU A 629 -21.76 27.88 -27.74
CA LEU A 629 -21.54 26.52 -28.17
C LEU A 629 -21.07 26.49 -29.62
N LEU A 630 -20.50 25.36 -30.01
CA LEU A 630 -20.19 25.07 -31.42
C LEU A 630 -20.94 23.81 -31.81
N HIS A 631 -21.72 23.89 -32.89
CA HIS A 631 -22.64 22.84 -33.28
C HIS A 631 -22.07 22.06 -34.46
N GLU A 632 -21.95 20.75 -34.29
CA GLU A 632 -21.48 19.88 -35.36
C GLU A 632 -22.52 19.85 -36.49
N HIS A 633 -22.17 19.16 -37.58
CA HIS A 633 -23.11 18.93 -38.67
C HIS A 633 -23.48 20.23 -39.36
N SER A 634 -24.28 21.07 -38.69
CA SER A 634 -24.70 22.34 -39.26
C SER A 634 -23.63 23.42 -39.16
N GLY A 635 -22.63 23.24 -38.31
CA GLY A 635 -21.55 24.21 -38.18
C GLY A 635 -21.95 25.53 -37.56
N LYS A 636 -23.18 25.66 -37.10
CA LYS A 636 -23.62 26.91 -36.48
C LYS A 636 -22.96 27.10 -35.13
N THR A 637 -22.75 28.36 -34.76
CA THR A 637 -22.25 28.74 -33.45
C THR A 637 -23.35 29.47 -32.69
N LEU A 638 -23.68 28.97 -31.51
CA LEU A 638 -24.75 29.53 -30.70
C LEU A 638 -24.16 30.45 -29.64
N ASN A 639 -24.82 31.58 -29.42
CA ASN A 639 -24.38 32.57 -28.45
C ASN A 639 -25.52 32.85 -27.48
N TYR A 640 -25.25 32.64 -26.19
CA TYR A 640 -26.20 32.97 -25.13
C TYR A 640 -25.53 33.91 -24.14
N GLU A 641 -26.34 34.74 -23.50
CA GLU A 641 -25.86 35.68 -22.50
C GLU A 641 -26.34 35.24 -21.13
N ILE A 642 -25.41 34.88 -20.25
CA ILE A 642 -25.77 34.56 -18.88
C ILE A 642 -26.03 35.87 -18.14
N LEU A 643 -27.19 35.97 -17.50
CA LEU A 643 -27.57 37.20 -16.81
C LEU A 643 -27.15 37.16 -15.35
N GLN A 644 -27.42 36.05 -14.66
CA GLN A 644 -26.96 35.84 -13.30
C GLN A 644 -26.52 34.38 -13.16
N VAL A 645 -25.66 34.14 -12.17
CA VAL A 645 -25.12 32.81 -11.93
C VAL A 645 -25.19 32.53 -10.43
N PHE A 646 -25.56 31.29 -10.08
CA PHE A 646 -25.67 30.84 -8.70
C PHE A 646 -24.70 29.67 -8.52
N PRO A 647 -23.48 29.92 -8.03
CA PRO A 647 -22.46 28.86 -8.01
C PRO A 647 -22.83 27.71 -7.09
N PHE A 648 -22.29 26.54 -7.43
CA PHE A 648 -22.42 25.37 -6.57
C PHE A 648 -21.86 25.68 -5.19
N ASN A 649 -22.56 25.22 -4.15
CA ASN A 649 -22.14 25.44 -2.78
C ASN A 649 -22.62 24.29 -1.91
N SER A 650 -21.78 23.91 -0.95
CA SER A 650 -22.15 22.86 -0.01
C SER A 650 -23.35 23.28 0.81
N ASP A 651 -24.20 22.29 1.14
CA ASP A 651 -25.45 22.52 1.84
C ASP A 651 -26.50 23.10 0.90
N SER A 652 -26.10 23.44 -0.33
CA SER A 652 -27.06 23.82 -1.35
C SER A 652 -27.23 22.70 -2.36
N LYS A 653 -26.11 22.21 -2.92
CA LYS A 653 -26.11 21.11 -3.87
C LYS A 653 -26.92 21.44 -5.13
N ARG A 654 -27.13 22.73 -5.39
CA ARG A 654 -27.83 23.20 -6.58
C ARG A 654 -27.01 24.29 -7.23
N MET A 655 -26.91 24.24 -8.56
CA MET A 655 -26.31 25.30 -9.34
C MET A 655 -27.20 25.59 -10.54
N GLY A 656 -27.39 26.87 -10.83
CA GLY A 656 -28.25 27.26 -11.93
C GLY A 656 -27.84 28.61 -12.49
N ILE A 657 -28.37 28.90 -13.67
CA ILE A 657 -28.07 30.14 -14.37
C ILE A 657 -29.32 30.59 -15.11
N ILE A 658 -29.45 31.89 -15.28
CA ILE A 658 -30.52 32.47 -16.09
C ILE A 658 -29.91 32.84 -17.44
N VAL A 659 -30.35 32.15 -18.49
CA VAL A 659 -29.76 32.27 -19.82
C VAL A 659 -30.68 33.10 -20.69
N ARG A 660 -30.11 34.08 -21.38
CA ARG A 660 -30.84 34.91 -22.34
C ARG A 660 -30.39 34.53 -23.74
N ASP A 661 -31.25 33.83 -24.47
CA ASP A 661 -30.95 33.51 -25.85
C ASP A 661 -31.17 34.73 -26.74
N GLU A 662 -30.32 34.88 -27.76
CA GLU A 662 -30.46 35.96 -28.71
C GLU A 662 -30.67 35.48 -30.15
N GLN A 663 -30.45 34.20 -30.44
CA GLN A 663 -30.94 33.65 -31.71
C GLN A 663 -32.46 33.66 -31.74
N LEU A 664 -33.09 33.33 -30.61
CA LEU A 664 -34.51 33.57 -30.39
C LEU A 664 -34.67 34.30 -29.06
N ASP A 665 -35.52 35.32 -29.05
CA ASP A 665 -35.63 36.18 -27.88
C ASP A 665 -36.37 35.46 -26.75
N GLU A 666 -35.72 34.45 -26.18
CA GLU A 666 -36.30 33.65 -25.10
C GLU A 666 -35.39 33.70 -23.88
N TYR A 667 -35.99 33.78 -22.71
CA TYR A 667 -35.26 33.74 -21.44
C TYR A 667 -35.42 32.36 -20.83
N TRP A 668 -34.36 31.85 -20.21
CA TRP A 668 -34.38 30.52 -19.62
C TRP A 668 -33.71 30.53 -18.27
N PHE A 669 -34.13 29.58 -17.42
CA PHE A 669 -33.43 29.24 -16.19
C PHE A 669 -33.26 27.74 -16.14
N MET A 670 -32.02 27.28 -16.00
CA MET A 670 -31.69 25.87 -15.99
C MET A 670 -30.90 25.57 -14.73
N GLN A 671 -31.23 24.45 -14.09
CA GLN A 671 -30.69 24.15 -12.77
C GLN A 671 -30.19 22.71 -12.74
N LYS A 672 -29.14 22.50 -11.94
CA LYS A 672 -28.51 21.20 -11.80
C LYS A 672 -28.09 21.00 -10.35
N GLY A 673 -28.29 19.79 -9.85
CA GLY A 673 -27.96 19.51 -8.46
C GLY A 673 -28.37 18.11 -8.07
N ALA A 674 -28.23 17.83 -6.79
CA ALA A 674 -28.52 16.49 -6.26
C ALA A 674 -30.01 16.23 -6.26
N ASP A 675 -30.38 14.97 -6.53
CA ASP A 675 -31.79 14.61 -6.60
C ASP A 675 -32.47 14.78 -5.25
N THR A 676 -31.78 14.42 -4.16
CA THR A 676 -32.41 14.48 -2.85
C THR A 676 -32.86 15.89 -2.50
N VAL A 677 -32.24 16.90 -3.11
CA VAL A 677 -32.62 18.29 -2.86
C VAL A 677 -33.55 18.81 -3.94
N MET A 678 -33.33 18.41 -5.20
CA MET A 678 -34.12 18.96 -6.30
C MET A 678 -35.51 18.35 -6.37
N SER A 679 -35.70 17.14 -5.83
CA SER A 679 -36.97 16.45 -6.00
C SER A 679 -38.14 17.25 -5.44
N LYS A 680 -37.89 18.17 -4.52
CA LYS A 680 -38.95 19.02 -3.99
C LYS A 680 -39.28 20.19 -4.91
N ILE A 681 -38.41 20.47 -5.89
CA ILE A 681 -38.60 21.60 -6.79
C ILE A 681 -39.10 21.15 -8.16
N VAL A 682 -38.96 19.88 -8.49
CA VAL A 682 -39.33 19.39 -9.81
C VAL A 682 -40.84 19.15 -9.87
N GLU A 683 -41.36 19.01 -11.10
CA GLU A 683 -42.77 18.73 -11.32
C GLU A 683 -43.11 17.34 -10.82
N SER A 684 -44.38 16.93 -11.01
CA SER A 684 -44.88 15.69 -10.41
C SER A 684 -43.83 14.58 -10.37
N ASN A 685 -43.19 14.29 -11.50
CA ASN A 685 -42.08 13.34 -11.56
C ASN A 685 -42.43 12.01 -10.90
N ASP A 686 -43.56 11.42 -11.28
CA ASP A 686 -44.01 10.18 -10.65
C ASP A 686 -43.03 9.03 -10.83
N TRP A 687 -42.11 9.14 -11.78
CA TRP A 687 -41.14 8.07 -12.06
C TRP A 687 -39.76 8.35 -11.48
N LEU A 688 -39.50 9.58 -11.04
CA LEU A 688 -38.15 9.96 -10.65
C LEU A 688 -37.64 9.12 -9.49
N GLU A 689 -38.49 8.88 -8.48
CA GLU A 689 -38.03 8.13 -7.31
C GLU A 689 -37.64 6.70 -7.69
N GLU A 690 -38.49 6.02 -8.47
CA GLU A 690 -38.18 4.66 -8.89
C GLU A 690 -36.90 4.63 -9.72
N GLU A 691 -36.78 5.55 -10.68
CA GLU A 691 -35.60 5.54 -11.53
C GLU A 691 -34.34 5.83 -10.74
N THR A 692 -34.40 6.77 -9.79
CA THR A 692 -33.25 7.07 -8.97
C THR A 692 -32.87 5.88 -8.09
N GLY A 693 -33.88 5.18 -7.56
CA GLY A 693 -33.59 4.02 -6.75
C GLY A 693 -32.90 2.92 -7.53
N ASN A 694 -33.37 2.67 -8.77
CA ASN A 694 -32.71 1.70 -9.62
C ASN A 694 -31.45 2.24 -10.27
N MET A 695 -31.17 3.55 -10.12
CA MET A 695 -29.97 4.15 -10.68
C MET A 695 -28.82 4.08 -9.70
N ALA A 696 -29.02 4.64 -8.50
CA ALA A 696 -27.93 4.73 -7.52
C ALA A 696 -27.45 3.36 -7.07
N ARG A 697 -28.24 2.31 -7.30
CA ARG A 697 -27.80 0.97 -6.94
C ARG A 697 -26.52 0.57 -7.66
N GLU A 698 -26.21 1.22 -8.78
CA GLU A 698 -24.98 0.96 -9.53
C GLU A 698 -23.85 1.90 -9.14
N GLY A 699 -24.06 2.77 -8.15
CA GLY A 699 -23.01 3.66 -7.71
C GLY A 699 -22.77 4.86 -8.60
N LEU A 700 -23.77 5.28 -9.37
CA LEU A 700 -23.61 6.42 -10.25
C LEU A 700 -23.90 7.72 -9.50
N ARG A 701 -23.17 8.78 -9.86
CA ARG A 701 -23.35 10.08 -9.23
C ARG A 701 -24.53 10.80 -9.88
N THR A 702 -25.73 10.42 -9.42
CA THR A 702 -26.95 10.93 -10.02
C THR A 702 -27.03 12.44 -9.90
N LEU A 703 -27.40 13.10 -11.00
CA LEU A 703 -27.74 14.51 -11.01
C LEU A 703 -29.01 14.70 -11.83
N VAL A 704 -29.83 15.67 -11.42
CA VAL A 704 -31.08 15.97 -12.11
C VAL A 704 -30.98 17.38 -12.66
N ILE A 705 -31.72 17.62 -13.75
CA ILE A 705 -31.66 18.89 -14.48
C ILE A 705 -33.07 19.31 -14.87
N GLY A 706 -33.35 20.60 -14.74
CA GLY A 706 -34.67 21.12 -15.08
C GLY A 706 -34.55 22.51 -15.66
N ARG A 707 -35.68 22.99 -16.16
CA ARG A 707 -35.74 24.30 -16.82
C ARG A 707 -37.01 25.04 -16.41
N LYS A 708 -37.04 26.32 -16.77
CA LYS A 708 -38.26 27.12 -16.76
C LYS A 708 -38.09 28.26 -17.74
N LYS A 709 -39.15 28.55 -18.48
CA LYS A 709 -39.13 29.58 -19.51
C LYS A 709 -39.68 30.89 -18.94
N LEU A 710 -38.94 31.97 -19.16
CA LEU A 710 -39.28 33.28 -18.62
C LEU A 710 -39.45 34.29 -19.76
N ASN A 711 -39.64 35.55 -19.40
CA ASN A 711 -39.70 36.65 -20.35
C ASN A 711 -38.80 37.77 -19.86
N LYS A 712 -38.74 38.86 -20.65
CA LYS A 712 -37.82 39.94 -20.33
C LYS A 712 -38.21 40.65 -19.04
N LYS A 713 -39.49 41.05 -18.91
CA LYS A 713 -39.88 41.90 -17.80
C LYS A 713 -39.88 41.13 -16.48
N ILE A 714 -40.23 39.84 -16.52
CA ILE A 714 -40.25 39.06 -15.28
C ILE A 714 -38.84 38.95 -14.71
N TYR A 715 -37.83 38.87 -15.58
CA TYR A 715 -36.46 38.87 -15.08
C TYR A 715 -36.14 40.19 -14.38
N GLU A 716 -36.61 41.31 -14.94
CA GLU A 716 -36.39 42.59 -14.28
C GLU A 716 -37.09 42.64 -12.93
N GLN A 717 -38.30 42.09 -12.83
CA GLN A 717 -38.98 42.01 -11.55
C GLN A 717 -38.17 41.19 -10.55
N PHE A 718 -37.61 40.07 -11.00
CA PHE A 718 -36.75 39.27 -10.13
C PHE A 718 -35.52 40.05 -9.68
N GLN A 719 -34.89 40.76 -10.63
CA GLN A 719 -33.68 41.50 -10.31
C GLN A 719 -33.96 42.58 -9.28
N LYS A 720 -35.08 43.29 -9.42
CA LYS A 720 -35.47 44.28 -8.43
C LYS A 720 -35.56 43.64 -7.05
N GLU A 721 -36.24 42.49 -6.97
CA GLU A 721 -36.37 41.79 -5.69
C GLU A 721 -35.02 41.28 -5.22
N TYR A 722 -34.25 40.64 -6.10
CA TYR A 722 -32.95 40.10 -5.69
C TYR A 722 -31.99 41.21 -5.31
N ASN A 723 -31.98 42.31 -6.06
CA ASN A 723 -31.09 43.42 -5.73
C ASN A 723 -31.40 43.97 -4.36
N ASP A 724 -32.70 44.13 -4.05
CA ASP A 724 -33.08 44.59 -2.71
C ASP A 724 -32.66 43.58 -1.65
N ALA A 725 -32.89 42.29 -1.91
CA ALA A 725 -32.55 41.27 -0.94
C ALA A 725 -31.04 41.16 -0.74
N SER A 726 -30.25 41.63 -1.68
CA SER A 726 -28.79 41.60 -1.56
C SER A 726 -28.23 42.77 -0.77
N LEU A 727 -29.07 43.46 0.01
CA LEU A 727 -28.60 44.60 0.80
C LEU A 727 -27.47 44.17 1.73
N SER A 728 -26.41 44.97 1.75
CA SER A 728 -25.24 44.63 2.55
C SER A 728 -25.40 45.17 3.98
N MET A 729 -24.62 44.58 4.89
CA MET A 729 -24.57 45.00 6.29
C MET A 729 -25.82 44.54 7.05
N LEU A 730 -26.79 43.97 6.33
CA LEU A 730 -28.00 43.48 6.98
C LEU A 730 -27.95 41.96 7.11
N ASN A 731 -28.29 41.47 8.29
CA ASN A 731 -28.26 40.03 8.56
C ASN A 731 -29.51 39.31 8.08
N ARG A 732 -29.89 39.51 6.82
CA ARG A 732 -31.07 38.89 6.23
C ARG A 732 -30.73 38.35 4.84
N ASP A 733 -29.56 37.72 4.71
CA ASP A 733 -29.15 37.20 3.40
C ASP A 733 -30.09 36.11 2.91
N GLN A 734 -30.86 35.51 3.81
CA GLN A 734 -31.83 34.50 3.40
C GLN A 734 -32.96 35.10 2.56
N GLN A 735 -33.07 36.43 2.52
CA GLN A 735 -34.01 37.07 1.60
C GLN A 735 -33.71 36.67 0.15
N MET A 736 -32.42 36.54 -0.19
CA MET A 736 -32.06 36.13 -1.55
C MET A 736 -32.58 34.73 -1.83
N SER A 737 -32.41 33.80 -0.88
CA SER A 737 -32.94 32.45 -1.06
C SER A 737 -34.45 32.47 -1.21
N GLN A 738 -35.13 33.29 -0.40
CA GLN A 738 -36.58 33.40 -0.51
C GLN A 738 -36.99 33.91 -1.88
N VAL A 739 -36.29 34.92 -2.39
CA VAL A 739 -36.62 35.49 -3.69
C VAL A 739 -36.43 34.46 -4.79
N ILE A 740 -35.30 33.75 -4.77
CA ILE A 740 -35.05 32.77 -5.83
C ILE A 740 -36.09 31.65 -5.75
N THR A 741 -36.46 31.22 -4.55
CA THR A 741 -37.50 30.21 -4.41
C THR A 741 -38.84 30.71 -4.94
N LYS A 742 -39.21 31.95 -4.62
CA LYS A 742 -40.49 32.49 -5.06
C LYS A 742 -40.54 32.57 -6.58
N TYR A 743 -39.54 33.19 -7.20
CA TYR A 743 -39.58 33.49 -8.62
C TYR A 743 -39.11 32.35 -9.51
N LEU A 744 -37.90 31.83 -9.28
CA LEU A 744 -37.22 31.01 -10.27
C LEU A 744 -37.48 29.52 -10.05
N GLU A 745 -37.10 28.97 -8.89
CA GLU A 745 -37.09 27.53 -8.69
C GLU A 745 -38.32 27.11 -7.88
N HIS A 746 -39.43 26.92 -8.61
CA HIS A 746 -40.65 26.43 -7.97
C HIS A 746 -41.29 25.27 -8.74
N ASP A 747 -41.29 25.33 -10.07
CA ASP A 747 -41.95 24.31 -10.86
C ASP A 747 -41.15 23.90 -12.09
N LEU A 748 -39.85 23.69 -11.92
CA LEU A 748 -38.98 23.37 -13.06
C LEU A 748 -39.48 22.12 -13.77
N GLU A 749 -39.54 22.19 -15.09
CA GLU A 749 -39.81 21.00 -15.90
C GLU A 749 -38.70 19.99 -15.70
N LEU A 750 -39.08 18.71 -15.67
CA LEU A 750 -38.11 17.63 -15.45
C LEU A 750 -37.58 17.17 -16.78
N LEU A 751 -36.40 17.65 -17.16
CA LEU A 751 -35.77 17.15 -18.37
C LEU A 751 -35.23 15.75 -18.18
N GLY A 752 -34.56 15.49 -17.08
CA GLY A 752 -34.05 14.15 -16.80
C GLY A 752 -32.98 14.18 -15.75
N LEU A 753 -32.32 13.03 -15.58
CA LEU A 753 -31.21 12.88 -14.65
C LEU A 753 -30.08 12.15 -15.34
N THR A 754 -28.86 12.40 -14.86
CA THR A 754 -27.65 11.90 -15.50
C THR A 754 -26.80 11.15 -14.49
N GLY A 755 -26.23 10.01 -14.93
CA GLY A 755 -25.38 9.22 -14.08
C GLY A 755 -23.91 9.29 -14.44
N VAL A 756 -23.12 10.00 -13.64
CA VAL A 756 -21.67 10.01 -13.81
C VAL A 756 -21.06 8.91 -12.97
N GLU A 757 -20.02 8.27 -13.50
CA GLU A 757 -19.41 7.11 -12.85
C GLU A 757 -17.91 7.32 -12.69
N ASP A 758 -17.34 6.60 -11.72
CA ASP A 758 -15.90 6.60 -11.53
C ASP A 758 -15.29 5.39 -12.21
N LYS A 759 -14.32 5.63 -13.09
CA LYS A 759 -13.70 4.53 -13.84
C LYS A 759 -12.80 3.73 -12.92
N LEU A 760 -13.32 2.63 -12.38
CA LEU A 760 -12.57 1.80 -11.45
C LEU A 760 -11.37 1.16 -12.14
N GLN A 761 -10.35 0.86 -11.34
CA GLN A 761 -9.20 0.13 -11.86
C GLN A 761 -9.64 -1.23 -12.38
N LYS A 762 -8.81 -1.80 -13.25
CA LYS A 762 -9.19 -3.04 -13.92
C LYS A 762 -9.46 -4.15 -12.91
N ASP A 763 -10.56 -4.86 -13.10
CA ASP A 763 -10.92 -6.07 -12.35
C ASP A 763 -11.05 -5.82 -10.85
N VAL A 764 -11.32 -4.58 -10.44
CA VAL A 764 -11.40 -4.28 -9.01
C VAL A 764 -12.60 -4.96 -8.37
N LYS A 765 -13.77 -4.89 -9.02
CA LYS A 765 -15.00 -5.32 -8.37
C LYS A 765 -15.07 -6.83 -8.20
N SER A 766 -14.16 -7.60 -8.80
CA SER A 766 -14.01 -9.01 -8.47
C SER A 766 -12.82 -9.29 -7.57
N SER A 767 -11.77 -8.47 -7.68
CA SER A 767 -10.63 -8.62 -6.77
C SER A 767 -11.03 -8.36 -5.33
N ILE A 768 -11.89 -7.37 -5.11
CA ILE A 768 -12.38 -7.11 -3.75
C ILE A 768 -13.17 -8.31 -3.24
N GLU A 769 -14.02 -8.90 -4.08
CA GLU A 769 -14.77 -10.07 -3.65
C GLU A 769 -13.83 -11.22 -3.31
N LEU A 770 -12.80 -11.44 -4.13
CA LEU A 770 -11.87 -12.53 -3.84
C LEU A 770 -11.15 -12.29 -2.52
N LEU A 771 -10.60 -11.09 -2.33
CA LEU A 771 -9.88 -10.80 -1.10
C LEU A 771 -10.78 -10.97 0.12
N ARG A 772 -12.00 -10.44 0.06
CA ARG A 772 -12.91 -10.59 1.19
C ARG A 772 -13.29 -12.06 1.41
N ASN A 773 -13.37 -12.83 0.33
CA ASN A 773 -13.68 -14.25 0.45
C ASN A 773 -12.54 -15.02 1.10
N ALA A 774 -11.30 -14.55 0.91
CA ALA A 774 -10.16 -15.17 1.59
C ALA A 774 -10.15 -14.88 3.09
N GLY A 775 -10.99 -13.97 3.57
CA GLY A 775 -11.08 -13.67 4.98
C GLY A 775 -10.51 -12.33 5.40
N ILE A 776 -10.08 -11.51 4.46
CA ILE A 776 -9.47 -10.22 4.78
C ILE A 776 -10.58 -9.17 4.93
N LYS A 777 -10.58 -8.47 6.07
CA LYS A 777 -11.57 -7.43 6.34
C LYS A 777 -11.15 -6.15 5.61
N ILE A 778 -11.38 -6.14 4.30
CA ILE A 778 -10.99 -5.00 3.49
C ILE A 778 -11.73 -3.76 3.95
N TRP A 779 -10.99 -2.71 4.31
CA TRP A 779 -11.56 -1.41 4.67
C TRP A 779 -11.24 -0.40 3.58
N MET A 780 -11.78 0.79 3.75
CA MET A 780 -11.52 1.92 2.85
C MET A 780 -11.17 3.13 3.70
N LEU A 781 -10.03 3.75 3.40
CA LEU A 781 -9.62 4.99 4.06
C LEU A 781 -9.19 5.98 2.99
N THR A 782 -9.92 7.10 2.90
CA THR A 782 -9.76 8.05 1.81
C THR A 782 -9.76 9.47 2.35
N GLY A 783 -9.14 10.37 1.59
CA GLY A 783 -9.22 11.80 1.83
C GLY A 783 -10.26 12.52 1.02
N ASP A 784 -11.24 11.79 0.50
CA ASP A 784 -12.23 12.33 -0.42
C ASP A 784 -13.52 12.68 0.31
N LYS A 785 -14.53 13.07 -0.46
CA LYS A 785 -15.80 13.48 0.12
C LYS A 785 -16.72 12.28 0.33
N VAL A 786 -17.72 12.47 1.19
CA VAL A 786 -18.54 11.36 1.67
C VAL A 786 -19.40 10.80 0.54
N GLU A 787 -20.00 11.68 -0.26
CA GLU A 787 -20.88 11.22 -1.34
C GLU A 787 -20.12 10.37 -2.34
N THR A 788 -18.98 10.86 -2.81
CA THR A 788 -18.17 10.10 -3.75
C THR A 788 -17.65 8.82 -3.12
N ALA A 789 -17.28 8.86 -1.83
CA ALA A 789 -16.85 7.64 -1.17
C ALA A 789 -17.93 6.58 -1.20
N ARG A 790 -19.16 6.96 -0.84
CA ARG A 790 -20.25 5.98 -0.84
C ARG A 790 -20.53 5.48 -2.26
N CYS A 791 -20.50 6.38 -3.24
CA CYS A 791 -20.78 5.97 -4.62
C CYS A 791 -19.74 4.96 -5.10
N VAL A 792 -18.45 5.24 -4.85
CA VAL A 792 -17.41 4.31 -5.27
C VAL A 792 -17.55 2.99 -4.53
N SER A 793 -17.85 3.04 -3.23
CA SER A 793 -18.01 1.81 -2.47
C SER A 793 -19.13 0.95 -3.04
N ILE A 794 -20.28 1.55 -3.33
CA ILE A 794 -21.40 0.79 -3.88
C ILE A 794 -21.04 0.26 -5.25
N SER A 795 -20.32 1.04 -6.06
CA SER A 795 -19.95 0.59 -7.40
C SER A 795 -19.02 -0.61 -7.34
N ALA A 796 -18.07 -0.60 -6.40
CA ALA A 796 -17.03 -1.61 -6.34
C ALA A 796 -17.45 -2.88 -5.61
N LYS A 797 -18.75 -3.09 -5.38
CA LYS A 797 -19.26 -4.24 -4.64
C LYS A 797 -18.72 -4.31 -3.22
N LEU A 798 -18.03 -3.26 -2.75
CA LEU A 798 -17.56 -3.26 -1.38
C LEU A 798 -18.70 -3.33 -0.38
N ILE A 799 -19.89 -2.88 -0.78
CA ILE A 799 -21.11 -3.02 0.01
C ILE A 799 -22.04 -3.96 -0.75
N SER A 800 -22.56 -4.95 -0.04
CA SER A 800 -23.35 -5.99 -0.69
C SER A 800 -24.61 -5.39 -1.31
N ARG A 801 -25.37 -6.23 -2.00
CA ARG A 801 -26.55 -5.76 -2.71
C ARG A 801 -27.50 -5.02 -1.77
N GLY A 802 -27.53 -5.41 -0.51
CA GLY A 802 -28.37 -4.73 0.47
C GLY A 802 -27.76 -4.75 1.85
N GLN A 803 -27.59 -3.56 2.43
CA GLN A 803 -27.04 -3.42 3.77
C GLN A 803 -27.54 -2.11 4.37
N TYR A 804 -27.46 -2.01 5.69
CA TYR A 804 -27.90 -0.79 6.35
C TYR A 804 -27.03 0.40 5.97
N VAL A 805 -25.73 0.20 5.86
CA VAL A 805 -24.80 1.28 5.51
C VAL A 805 -25.04 2.44 6.45
N HIS A 806 -24.71 2.26 7.72
CA HIS A 806 -24.85 3.33 8.70
C HIS A 806 -23.89 4.48 8.37
N THR A 807 -24.33 5.70 8.64
CA THR A 807 -23.56 6.90 8.36
C THR A 807 -23.27 7.64 9.67
N ILE A 808 -22.00 7.97 9.89
CA ILE A 808 -21.58 8.73 11.05
C ILE A 808 -20.73 9.90 10.56
N THR A 809 -21.35 11.05 10.35
CA THR A 809 -20.69 12.19 9.73
C THR A 809 -20.70 13.39 10.65
N LYS A 810 -19.54 14.06 10.73
CA LYS A 810 -19.40 15.33 11.43
C LYS A 810 -19.87 15.22 12.88
N VAL A 811 -19.50 14.11 13.53
CA VAL A 811 -19.72 13.99 14.97
C VAL A 811 -18.48 14.50 15.69
N THR A 812 -18.70 15.35 16.70
CA THR A 812 -17.62 15.96 17.44
C THR A 812 -17.96 15.90 18.92
N ARG A 813 -16.92 15.96 19.75
CA ARG A 813 -17.06 15.87 21.20
C ARG A 813 -17.42 14.44 21.60
N PRO A 814 -17.20 14.05 22.86
CA PRO A 814 -17.40 12.65 23.25
C PRO A 814 -18.82 12.15 23.11
N GLU A 815 -19.81 13.03 23.02
CA GLU A 815 -21.21 12.62 23.12
C GLU A 815 -21.67 11.74 21.97
N GLY A 816 -20.80 11.40 21.02
CA GLY A 816 -21.21 10.54 19.93
C GLY A 816 -21.27 9.06 20.27
N ALA A 817 -21.05 8.70 21.54
CA ALA A 817 -21.06 7.29 21.93
C ALA A 817 -22.39 6.62 21.66
N PHE A 818 -23.48 7.38 21.54
CA PHE A 818 -24.76 6.76 21.23
C PHE A 818 -24.75 6.14 19.84
N ASN A 819 -23.94 6.68 18.92
CA ASN A 819 -23.84 6.07 17.59
C ASN A 819 -23.26 4.66 17.68
N GLN A 820 -22.16 4.49 18.39
CA GLN A 820 -21.58 3.17 18.55
C GLN A 820 -22.50 2.25 19.35
N LEU A 821 -23.20 2.80 20.34
CA LEU A 821 -24.16 1.97 21.08
C LEU A 821 -25.28 1.47 20.18
N GLU A 822 -25.82 2.35 19.33
CA GLU A 822 -26.85 1.93 18.39
C GLU A 822 -26.28 0.97 17.36
N TYR A 823 -24.98 1.07 17.08
CA TYR A 823 -24.34 0.10 16.19
C TYR A 823 -24.29 -1.29 16.83
N LEU A 824 -23.90 -1.35 18.09
CA LEU A 824 -23.96 -2.64 18.80
C LEU A 824 -25.38 -3.17 18.82
N LYS A 825 -26.36 -2.29 19.06
CA LYS A 825 -27.76 -2.71 19.01
C LYS A 825 -28.12 -3.26 17.64
N ILE A 826 -27.64 -2.63 16.57
CA ILE A 826 -27.94 -3.08 15.21
C ILE A 826 -27.36 -4.47 14.95
N ASN A 827 -26.38 -4.90 15.74
CA ASN A 827 -25.88 -6.27 15.73
C ASN A 827 -25.32 -6.66 14.36
N ARG A 828 -24.23 -5.96 14.00
CA ARG A 828 -23.40 -6.37 12.87
C ARG A 828 -24.17 -6.36 11.56
N ASN A 829 -23.56 -6.95 10.52
CA ASN A 829 -24.18 -7.02 9.20
C ASN A 829 -24.67 -5.66 8.74
N ALA A 830 -23.87 -4.63 8.97
CA ALA A 830 -24.24 -3.26 8.62
C ALA A 830 -22.96 -2.46 8.41
N CYS A 831 -22.60 -2.22 7.16
CA CYS A 831 -21.39 -1.47 6.86
C CYS A 831 -21.41 -0.12 7.55
N LEU A 832 -20.22 0.39 7.87
CA LEU A 832 -20.07 1.67 8.54
C LEU A 832 -19.42 2.66 7.57
N LEU A 833 -19.99 3.86 7.49
CA LEU A 833 -19.43 4.94 6.69
C LEU A 833 -19.25 6.15 7.59
N ILE A 834 -18.00 6.53 7.83
CA ILE A 834 -17.66 7.49 8.87
C ILE A 834 -16.82 8.60 8.28
N ASP A 835 -17.04 9.83 8.76
CA ASP A 835 -16.28 10.99 8.33
C ASP A 835 -14.91 11.00 9.00
N GLY A 836 -13.97 11.72 8.40
CA GLY A 836 -12.63 11.79 8.94
C GLY A 836 -12.56 12.38 10.34
N GLU A 837 -13.28 13.48 10.59
CA GLU A 837 -13.27 14.06 11.92
C GLU A 837 -13.88 13.12 12.95
N SER A 838 -14.97 12.44 12.58
CA SER A 838 -15.58 11.49 13.49
C SER A 838 -14.62 10.35 13.82
N LEU A 839 -13.93 9.84 12.80
CA LEU A 839 -12.96 8.77 13.04
C LEU A 839 -11.83 9.26 13.93
N GLY A 840 -11.36 10.49 13.70
CA GLY A 840 -10.30 11.03 14.53
C GLY A 840 -10.71 11.22 15.98
N MET A 841 -11.96 11.61 16.23
CA MET A 841 -12.45 11.71 17.60
C MET A 841 -12.58 10.34 18.24
N PHE A 842 -13.18 9.39 17.53
CA PHE A 842 -13.42 8.07 18.12
C PHE A 842 -12.11 7.35 18.40
N LEU A 843 -11.15 7.44 17.49
CA LEU A 843 -9.84 6.86 17.74
C LEU A 843 -9.04 7.65 18.77
N LYS A 844 -9.51 8.82 19.18
CA LYS A 844 -8.84 9.64 20.18
C LYS A 844 -9.31 9.34 21.59
N HIS A 845 -10.62 9.20 21.80
CA HIS A 845 -11.13 9.01 23.15
C HIS A 845 -11.66 7.59 23.34
N TYR A 846 -12.34 7.00 22.36
CA TYR A 846 -12.98 5.71 22.52
C TYR A 846 -12.25 4.64 21.71
N GLU A 847 -10.93 4.58 21.87
CA GLU A 847 -10.12 3.61 21.13
C GLU A 847 -10.68 2.20 21.24
N GLN A 848 -10.70 1.65 22.47
CA GLN A 848 -11.04 0.24 22.65
C GLN A 848 -12.51 -0.03 22.30
N GLU A 849 -13.41 0.84 22.76
CA GLU A 849 -14.83 0.62 22.51
C GLU A 849 -15.14 0.68 21.02
N PHE A 850 -14.59 1.69 20.33
CA PHE A 850 -14.83 1.81 18.89
C PHE A 850 -14.23 0.63 18.14
N PHE A 851 -13.03 0.18 18.55
CA PHE A 851 -12.41 -0.93 17.85
C PHE A 851 -13.23 -2.20 18.04
N ASP A 852 -13.71 -2.45 19.27
CA ASP A 852 -14.53 -3.62 19.51
C ASP A 852 -15.77 -3.63 18.63
N VAL A 853 -16.25 -2.45 18.23
CA VAL A 853 -17.40 -2.39 17.33
C VAL A 853 -16.94 -2.67 15.90
N VAL A 854 -15.99 -1.89 15.39
CA VAL A 854 -15.64 -1.97 13.98
C VAL A 854 -15.01 -3.30 13.62
N VAL A 855 -14.47 -4.04 14.58
CA VAL A 855 -13.81 -5.30 14.26
C VAL A 855 -14.79 -6.27 13.62
N HIS A 856 -15.97 -6.42 14.21
CA HIS A 856 -16.93 -7.41 13.75
C HIS A 856 -17.70 -6.98 12.51
N LEU A 857 -17.59 -5.73 12.09
CA LEU A 857 -18.29 -5.30 10.88
C LEU A 857 -17.61 -5.84 9.64
N PRO A 858 -18.34 -5.95 8.52
CA PRO A 858 -17.74 -6.50 7.31
C PRO A 858 -16.86 -5.50 6.57
N THR A 859 -17.05 -4.20 6.80
CA THR A 859 -16.26 -3.20 6.10
C THR A 859 -16.51 -1.84 6.72
N VAL A 860 -15.45 -1.05 6.79
CA VAL A 860 -15.52 0.34 7.24
C VAL A 860 -15.05 1.23 6.10
N ILE A 861 -15.62 2.43 6.02
CA ILE A 861 -15.27 3.42 5.00
C ILE A 861 -15.03 4.73 5.72
N ALA A 862 -13.91 5.38 5.40
CA ALA A 862 -13.56 6.67 5.96
C ALA A 862 -13.54 7.72 4.86
N CYS A 863 -13.84 8.96 5.22
CA CYS A 863 -13.90 10.05 4.26
C CYS A 863 -13.21 11.28 4.83
N ARG A 864 -12.58 12.04 3.94
CA ARG A 864 -11.85 13.25 4.33
C ARG A 864 -10.85 12.95 5.45
N CYS A 865 -10.16 11.83 5.32
CA CYS A 865 -9.20 11.39 6.33
C CYS A 865 -7.83 11.99 6.02
N THR A 866 -7.31 12.78 6.96
CA THR A 866 -6.00 13.41 6.78
C THR A 866 -4.92 12.34 6.77
N PRO A 867 -3.73 12.62 6.24
CA PRO A 867 -2.73 11.55 6.08
C PRO A 867 -2.34 10.89 7.40
N GLN A 868 -2.38 11.64 8.51
CA GLN A 868 -1.95 11.08 9.79
C GLN A 868 -2.96 10.07 10.32
N GLN A 869 -4.25 10.31 10.08
CA GLN A 869 -5.28 9.47 10.68
C GLN A 869 -5.29 8.07 10.09
N LYS A 870 -5.00 7.93 8.80
CA LYS A 870 -4.91 6.59 8.22
C LYS A 870 -3.78 5.79 8.86
N ALA A 871 -2.62 6.42 9.07
CA ALA A 871 -1.54 5.74 9.77
C ALA A 871 -1.93 5.41 11.21
N ASP A 872 -2.65 6.32 11.86
CA ASP A 872 -3.08 6.06 13.23
C ASP A 872 -4.00 4.84 13.28
N VAL A 873 -4.94 4.74 12.34
CA VAL A 873 -5.85 3.59 12.31
C VAL A 873 -5.06 2.32 12.04
N ALA A 874 -4.10 2.38 11.11
CA ALA A 874 -3.30 1.20 10.81
C ALA A 874 -2.53 0.74 12.04
N LEU A 875 -1.95 1.67 12.78
CA LEU A 875 -1.26 1.32 14.02
C LEU A 875 -2.21 0.72 15.03
N VAL A 876 -3.39 1.33 15.21
CA VAL A 876 -4.29 0.93 16.27
C VAL A 876 -4.86 -0.46 16.01
N ILE A 877 -5.15 -0.78 14.74
CA ILE A 877 -5.69 -2.11 14.44
C ILE A 877 -4.69 -3.18 14.89
N ARG A 878 -3.42 -3.03 14.48
CA ARG A 878 -2.41 -4.00 14.86
C ARG A 878 -2.21 -4.04 16.37
N LYS A 879 -2.21 -2.87 17.01
CA LYS A 879 -2.00 -2.82 18.45
C LYS A 879 -3.11 -3.56 19.19
N MET A 880 -4.35 -3.41 18.74
CA MET A 880 -5.50 -3.92 19.49
C MET A 880 -5.84 -5.37 19.17
N THR A 881 -5.68 -5.81 17.91
CA THR A 881 -6.08 -7.16 17.54
C THR A 881 -4.93 -8.11 17.28
N GLY A 882 -3.70 -7.62 17.16
CA GLY A 882 -2.58 -8.50 16.95
C GLY A 882 -2.41 -8.93 15.50
N LYS A 883 -3.49 -8.90 14.73
CA LYS A 883 -3.41 -9.27 13.32
C LYS A 883 -2.50 -8.30 12.57
N ARG A 884 -2.21 -8.64 11.32
CA ARG A 884 -1.30 -7.87 10.50
C ARG A 884 -2.08 -7.05 9.48
N VAL A 885 -1.64 -5.83 9.25
CA VAL A 885 -2.44 -4.81 8.55
C VAL A 885 -1.69 -4.46 7.26
N CYS A 886 -2.19 -4.96 6.14
CA CYS A 886 -1.69 -4.49 4.85
C CYS A 886 -2.27 -3.11 4.56
N CYS A 887 -1.52 -2.33 3.77
CA CYS A 887 -1.96 -0.99 3.38
C CYS A 887 -1.46 -0.69 1.99
N ILE A 888 -2.38 -0.27 1.12
CA ILE A 888 -2.09 -0.03 -0.29
C ILE A 888 -2.52 1.38 -0.63
N GLY A 889 -1.66 2.10 -1.34
CA GLY A 889 -1.96 3.49 -1.66
C GLY A 889 -0.97 4.03 -2.67
N ASP A 890 -1.27 5.24 -3.14
CA ASP A 890 -0.39 5.98 -4.04
C ASP A 890 -0.42 7.45 -3.65
N GLY A 891 0.62 8.17 -4.04
CA GLY A 891 0.70 9.58 -3.71
C GLY A 891 1.01 9.82 -2.24
N GLY A 892 1.55 11.00 -1.93
CA GLY A 892 1.94 11.33 -0.58
C GLY A 892 0.82 11.26 0.44
N ASN A 893 -0.42 11.05 -0.01
CA ASN A 893 -1.53 10.90 0.93
C ASN A 893 -1.34 9.68 1.81
N ASP A 894 -0.66 8.65 1.30
CA ASP A 894 -0.60 7.36 1.96
C ASP A 894 0.81 6.94 2.38
N VAL A 895 1.80 7.82 2.25
CA VAL A 895 3.15 7.47 2.70
C VAL A 895 3.15 7.20 4.20
N SER A 896 2.47 8.06 4.97
CA SER A 896 2.46 7.89 6.41
C SER A 896 1.80 6.58 6.83
N MET A 897 0.86 6.08 6.02
CA MET A 897 0.25 4.79 6.33
C MET A 897 1.15 3.65 5.91
N ILE A 898 1.69 3.72 4.70
CA ILE A 898 2.51 2.63 4.19
C ILE A 898 3.74 2.42 5.06
N GLN A 899 4.30 3.50 5.60
CA GLN A 899 5.49 3.35 6.45
C GLN A 899 5.14 2.70 7.78
N CYS A 900 4.01 3.08 8.37
CA CYS A 900 3.60 2.52 9.66
C CYS A 900 2.80 1.23 9.51
N ALA A 901 2.54 0.78 8.29
CA ALA A 901 1.75 -0.43 8.09
C ALA A 901 2.66 -1.64 7.88
N ASP A 902 2.05 -2.82 7.91
CA ASP A 902 2.76 -4.04 7.59
C ASP A 902 2.65 -4.31 6.09
N VAL A 903 3.71 -4.90 5.53
CA VAL A 903 3.75 -5.26 4.12
C VAL A 903 3.17 -4.16 3.26
N GLY A 904 3.33 -2.91 3.69
CA GLY A 904 2.71 -1.79 3.01
C GLY A 904 3.04 -1.74 1.53
N VAL A 905 2.02 -1.74 0.69
CA VAL A 905 2.19 -1.75 -0.76
C VAL A 905 1.98 -0.34 -1.29
N GLY A 906 2.73 0.00 -2.33
CA GLY A 906 2.52 1.24 -3.03
C GLY A 906 2.22 0.99 -4.50
N ILE A 907 1.49 1.93 -5.11
CA ILE A 907 1.16 1.87 -6.52
C ILE A 907 1.81 3.06 -7.22
N VAL A 908 2.66 2.79 -8.20
CA VAL A 908 3.29 3.84 -8.97
C VAL A 908 2.28 4.34 -10.01
N GLY A 909 1.61 5.43 -9.67
CA GLY A 909 0.55 5.95 -10.51
C GLY A 909 1.04 6.92 -11.55
N LYS A 910 0.11 7.36 -12.38
CA LYS A 910 0.42 8.36 -13.41
C LYS A 910 0.77 9.69 -12.75
N GLU A 911 1.79 10.35 -13.32
CA GLU A 911 2.12 11.72 -12.93
C GLU A 911 2.81 11.80 -11.58
N GLY A 912 2.97 10.66 -10.90
CA GLY A 912 3.60 10.66 -9.59
C GLY A 912 3.98 9.29 -9.09
N LYS A 913 5.06 9.23 -8.30
CA LYS A 913 5.58 7.96 -7.80
C LYS A 913 5.97 7.99 -6.34
N GLN A 914 5.78 9.14 -5.66
CA GLN A 914 6.39 9.31 -4.33
C GLN A 914 5.97 8.20 -3.37
N ALA A 915 4.76 7.67 -3.52
CA ALA A 915 4.33 6.60 -2.63
C ALA A 915 5.12 5.32 -2.89
N SER A 916 5.24 4.92 -4.15
CA SER A 916 6.00 3.72 -4.47
C SER A 916 7.47 3.89 -4.15
N LEU A 917 7.98 5.13 -4.17
CA LEU A 917 9.36 5.39 -3.81
C LEU A 917 9.63 5.17 -2.33
N ALA A 918 8.59 5.00 -1.51
CA ALA A 918 8.76 4.73 -0.09
C ALA A 918 8.05 3.47 0.37
N ALA A 919 7.27 2.80 -0.48
CA ALA A 919 6.54 1.63 -0.06
C ALA A 919 7.46 0.43 0.07
N ASP A 920 6.94 -0.63 0.69
CA ASP A 920 7.67 -1.88 0.80
C ASP A 920 7.61 -2.70 -0.48
N PHE A 921 6.47 -2.67 -1.18
CA PHE A 921 6.32 -3.33 -2.47
C PHE A 921 5.72 -2.33 -3.44
N SER A 922 5.81 -2.67 -4.73
CA SER A 922 5.30 -1.81 -5.78
C SER A 922 4.52 -2.65 -6.79
N ILE A 923 3.43 -2.08 -7.31
CA ILE A 923 2.64 -2.71 -8.36
C ILE A 923 2.00 -1.61 -9.18
N THR A 924 1.75 -1.93 -10.45
CA THR A 924 1.24 -0.93 -11.39
C THR A 924 -0.26 -0.71 -11.27
N GLN A 925 -0.98 -1.59 -10.57
CA GLN A 925 -2.42 -1.44 -10.43
C GLN A 925 -2.90 -2.29 -9.27
N PHE A 926 -4.17 -2.09 -8.89
CA PHE A 926 -4.73 -2.78 -7.74
C PHE A 926 -5.03 -4.24 -8.04
N CYS A 927 -5.21 -4.59 -9.32
CA CYS A 927 -5.54 -5.97 -9.65
C CYS A 927 -4.43 -6.93 -9.26
N HIS A 928 -3.18 -6.45 -9.22
CA HIS A 928 -2.05 -7.32 -8.93
C HIS A 928 -2.08 -7.84 -7.50
N LEU A 929 -2.66 -7.07 -6.57
CA LEU A 929 -2.65 -7.47 -5.18
C LEU A 929 -3.25 -8.85 -4.97
N THR A 930 -4.25 -9.22 -5.78
CA THR A 930 -4.84 -10.55 -5.65
C THR A 930 -3.79 -11.64 -5.73
N GLU A 931 -2.94 -11.60 -6.75
CA GLU A 931 -1.89 -12.59 -6.87
C GLU A 931 -0.77 -12.35 -5.87
N LEU A 932 -0.45 -11.08 -5.61
CA LEU A 932 0.68 -10.77 -4.74
C LEU A 932 0.45 -11.30 -3.32
N LEU A 933 -0.80 -11.38 -2.89
CA LEU A 933 -1.11 -11.87 -1.54
C LEU A 933 -1.47 -13.35 -1.53
N LEU A 934 -2.49 -13.73 -2.30
CA LEU A 934 -3.00 -15.10 -2.20
C LEU A 934 -1.99 -16.15 -2.63
N TRP A 935 -1.05 -15.82 -3.50
CA TRP A 935 -0.13 -16.83 -4.02
C TRP A 935 1.31 -16.60 -3.58
N HIS A 936 1.87 -15.44 -3.89
CA HIS A 936 3.27 -15.20 -3.52
C HIS A 936 3.45 -15.21 -2.01
N GLY A 937 2.61 -14.49 -1.29
CA GLY A 937 2.72 -14.43 0.16
C GLY A 937 2.49 -15.78 0.82
N ARG A 938 1.43 -16.47 0.40
CA ARG A 938 1.12 -17.77 0.99
C ARG A 938 2.25 -18.75 0.74
N ASN A 939 2.74 -18.81 -0.49
CA ASN A 939 3.82 -19.74 -0.80
C ASN A 939 5.09 -19.37 -0.04
N SER A 940 5.38 -18.07 0.09
CA SER A 940 6.55 -17.67 0.86
C SER A 940 6.44 -18.14 2.30
N TYR A 941 5.28 -17.91 2.92
CA TYR A 941 5.12 -18.31 4.32
C TYR A 941 5.24 -19.82 4.48
N LYS A 942 4.59 -20.59 3.60
CA LYS A 942 4.66 -22.04 3.72
C LYS A 942 6.07 -22.55 3.49
N ARG A 943 6.76 -22.02 2.48
CA ARG A 943 8.13 -22.43 2.22
C ARG A 943 9.02 -22.16 3.42
N SER A 944 8.92 -20.95 3.99
CA SER A 944 9.75 -20.64 5.13
C SER A 944 9.42 -21.52 6.34
N ALA A 945 8.14 -21.78 6.58
CA ALA A 945 7.76 -22.62 7.71
C ALA A 945 8.34 -24.01 7.56
N LYS A 946 8.18 -24.63 6.39
CA LYS A 946 8.67 -26.00 6.23
C LYS A 946 10.21 -26.04 6.21
N LEU A 947 10.84 -25.00 5.69
CA LEU A 947 12.31 -24.94 5.72
C LEU A 947 12.82 -24.85 7.15
N ALA A 948 12.17 -24.04 7.99
CA ALA A 948 12.54 -24.00 9.40
C ALA A 948 12.28 -25.35 10.07
N GLN A 949 11.16 -25.99 9.73
CA GLN A 949 10.90 -27.34 10.24
C GLN A 949 12.08 -28.26 9.97
N PHE A 950 12.53 -28.30 8.71
CA PHE A 950 13.56 -29.25 8.35
C PHE A 950 14.90 -28.89 8.95
N VAL A 951 15.21 -27.59 9.04
CA VAL A 951 16.47 -27.20 9.67
C VAL A 951 16.49 -27.65 11.13
N MET A 952 15.42 -27.38 11.87
CA MET A 952 15.38 -27.79 13.26
C MET A 952 15.39 -29.31 13.39
N HIS A 953 14.74 -30.01 12.46
CA HIS A 953 14.75 -31.46 12.48
C HIS A 953 16.16 -32.01 12.33
N ARG A 954 16.89 -31.51 11.33
CA ARG A 954 18.23 -32.03 11.08
C ARG A 954 19.23 -31.58 12.12
N GLY A 955 18.90 -30.55 12.90
CA GLY A 955 19.73 -30.23 14.05
C GLY A 955 19.47 -31.13 15.24
N LEU A 956 18.18 -31.30 15.56
CA LEU A 956 17.81 -32.06 16.73
C LEU A 956 18.11 -33.54 16.57
N ILE A 957 18.07 -34.08 15.35
CA ILE A 957 18.35 -35.50 15.18
C ILE A 957 19.81 -35.80 15.55
N ILE A 958 20.75 -34.97 15.07
CA ILE A 958 22.14 -35.20 15.42
C ILE A 958 22.40 -34.92 16.89
N ALA A 959 21.75 -33.88 17.44
CA ALA A 959 21.91 -33.65 18.88
C ALA A 959 21.46 -34.87 19.68
N ILE A 960 20.30 -35.43 19.32
CA ILE A 960 19.78 -36.59 20.05
C ILE A 960 20.69 -37.79 19.86
N CYS A 961 21.26 -37.96 18.66
CA CYS A 961 22.14 -39.10 18.44
C CYS A 961 23.38 -39.01 19.33
N GLN A 962 24.00 -37.83 19.39
CA GLN A 962 25.16 -37.67 20.27
C GLN A 962 24.76 -37.89 21.73
N ALA A 963 23.62 -37.35 22.15
CA ALA A 963 23.19 -37.54 23.54
C ALA A 963 22.95 -39.01 23.84
N VAL A 964 22.37 -39.75 22.89
CA VAL A 964 22.09 -41.16 23.12
C VAL A 964 23.39 -41.95 23.20
N TYR A 965 24.37 -41.61 22.37
CA TYR A 965 25.67 -42.26 22.49
C TYR A 965 26.27 -42.03 23.86
N SER A 966 26.25 -40.78 24.33
CA SER A 966 26.80 -40.49 25.65
C SER A 966 26.05 -41.26 26.74
N ILE A 967 24.72 -41.33 26.62
CA ILE A 967 23.93 -42.05 27.62
C ILE A 967 24.30 -43.53 27.63
N CYS A 968 24.44 -44.12 26.44
CA CYS A 968 24.55 -45.57 26.34
C CYS A 968 25.98 -46.08 26.43
N SER A 969 26.98 -45.19 26.45
CA SER A 969 28.35 -45.66 26.63
C SER A 969 29.16 -44.79 27.59
N LEU A 970 28.55 -43.77 28.18
CA LEU A 970 29.19 -42.96 29.21
C LEU A 970 30.36 -42.14 28.68
N PHE A 971 30.67 -42.24 27.39
CA PHE A 971 31.67 -41.37 26.80
C PHE A 971 31.09 -39.97 26.58
N GLU A 972 31.98 -39.01 26.37
CA GLU A 972 31.53 -37.64 26.14
C GLU A 972 30.78 -37.58 24.81
N PRO A 973 29.74 -36.74 24.71
CA PRO A 973 28.98 -36.69 23.46
C PRO A 973 29.81 -36.26 22.26
N ILE A 974 30.80 -35.39 22.45
CA ILE A 974 31.62 -34.93 21.34
C ILE A 974 32.41 -36.06 20.70
N ALA A 975 32.49 -37.23 21.35
CA ALA A 975 33.23 -38.34 20.77
C ALA A 975 32.62 -38.80 19.45
N LEU A 976 31.30 -38.83 19.36
CA LEU A 976 30.65 -39.26 18.13
C LEU A 976 30.66 -38.13 17.10
N TYR A 977 30.86 -38.50 15.84
CA TYR A 977 30.95 -37.53 14.75
C TYR A 977 32.05 -36.49 15.00
N GLN A 978 33.17 -36.93 15.55
CA GLN A 978 34.26 -36.01 15.85
C GLN A 978 35.07 -35.72 14.59
N GLY A 979 35.41 -34.45 14.41
CA GLY A 979 36.26 -34.04 13.31
C GLY A 979 35.54 -33.34 12.20
N TRP A 980 35.76 -33.79 10.96
CA TRP A 980 35.21 -33.12 9.79
C TRP A 980 33.74 -33.43 9.57
N LEU A 981 33.21 -34.48 10.21
CA LEU A 981 31.82 -34.84 9.98
C LEU A 981 30.87 -33.79 10.53
N MET A 982 31.24 -33.09 11.60
CA MET A 982 30.39 -32.02 12.09
C MET A 982 30.21 -30.94 11.03
N VAL A 983 31.31 -30.52 10.39
CA VAL A 983 31.21 -29.54 9.31
C VAL A 983 30.42 -30.13 8.14
N GLY A 984 30.71 -31.37 7.78
CA GLY A 984 30.05 -31.99 6.65
C GLY A 984 28.57 -32.23 6.83
N TYR A 985 28.10 -32.27 8.06
CA TYR A 985 26.67 -32.36 8.35
C TYR A 985 26.03 -30.99 8.53
N ALA A 986 26.78 -30.02 9.07
CA ALA A 986 26.28 -28.66 9.14
C ALA A 986 26.03 -28.09 7.75
N THR A 987 26.95 -28.36 6.82
CA THR A 987 26.85 -27.84 5.46
C THR A 987 27.19 -28.97 4.49
N CYS A 988 27.37 -28.55 3.23
CA CYS A 988 27.81 -29.50 2.21
C CYS A 988 26.83 -30.64 2.01
N TYR A 989 27.05 -31.84 2.63
CA TYR A 989 26.34 -33.05 2.22
C TYR A 989 24.83 -32.89 2.22
N THR A 990 24.27 -32.11 3.14
CA THR A 990 22.82 -32.11 3.35
C THR A 990 22.19 -30.72 3.36
N MET A 991 22.87 -29.69 2.86
CA MET A 991 22.26 -28.38 2.77
C MET A 991 21.29 -28.28 1.59
N ALA A 992 21.58 -28.99 0.50
CA ALA A 992 20.94 -28.75 -0.78
C ALA A 992 19.47 -29.19 -0.78
N PRO A 993 19.15 -30.43 -0.44
CA PRO A 993 17.73 -30.81 -0.40
C PRO A 993 16.93 -30.04 0.63
N VAL A 994 17.55 -29.59 1.72
CA VAL A 994 16.82 -28.78 2.68
C VAL A 994 16.52 -27.40 2.09
N PHE A 995 17.44 -26.84 1.31
CA PHE A 995 17.14 -25.58 0.63
C PHE A 995 16.18 -25.79 -0.53
N SER A 996 16.09 -27.01 -1.04
CA SER A 996 15.22 -27.29 -2.18
C SER A 996 13.74 -27.10 -1.87
N LEU A 997 13.37 -27.02 -0.60
CA LEU A 997 11.96 -26.81 -0.26
C LEU A 997 11.45 -25.49 -0.83
N THR A 998 12.30 -24.48 -0.91
CA THR A 998 11.87 -23.14 -1.30
C THR A 998 11.54 -23.03 -2.78
N LEU A 999 11.53 -24.13 -3.53
CA LEU A 999 11.12 -24.12 -4.93
C LEU A 999 9.85 -24.93 -5.18
N ASP A 1000 9.11 -25.29 -4.13
CA ASP A 1000 7.90 -26.07 -4.30
C ASP A 1000 6.68 -25.16 -4.44
N HIS A 1001 5.61 -25.73 -4.99
CA HIS A 1001 4.34 -25.03 -5.17
C HIS A 1001 3.24 -25.80 -4.45
N ASP A 1002 2.57 -25.15 -3.51
CA ASP A 1002 1.44 -25.77 -2.84
C ASP A 1002 0.32 -26.05 -3.83
N ILE A 1003 0.03 -25.10 -4.72
CA ILE A 1003 -0.99 -25.25 -5.74
C ILE A 1003 -0.53 -24.51 -6.99
N GLU A 1004 -1.14 -24.86 -8.12
CA GLU A 1004 -0.75 -24.24 -9.39
C GLU A 1004 -0.98 -22.74 -9.36
N GLU A 1005 -0.43 -22.05 -10.35
CA GLU A 1005 -0.58 -20.61 -10.46
C GLU A 1005 -2.04 -20.22 -10.71
N SER A 1006 -2.70 -20.94 -11.60
CA SER A 1006 -4.06 -20.57 -12.00
C SER A 1006 -5.08 -20.92 -10.92
N LEU A 1007 -4.91 -22.04 -10.23
CA LEU A 1007 -5.93 -22.52 -9.31
C LEU A 1007 -6.06 -21.67 -8.06
N THR A 1008 -5.29 -20.58 -7.94
CA THR A 1008 -5.50 -19.66 -6.82
C THR A 1008 -6.87 -19.00 -6.91
N LYS A 1009 -7.28 -18.61 -8.13
CA LYS A 1009 -8.54 -17.90 -8.30
C LYS A 1009 -9.75 -18.75 -7.98
N ILE A 1010 -9.72 -20.04 -8.32
CA ILE A 1010 -10.90 -20.88 -8.16
C ILE A 1010 -11.20 -21.19 -6.71
N TYR A 1011 -10.17 -21.32 -5.86
CA TYR A 1011 -10.32 -21.69 -4.46
C TYR A 1011 -9.66 -20.66 -3.56
N PRO A 1012 -10.26 -19.47 -3.41
CA PRO A 1012 -9.69 -18.48 -2.49
C PRO A 1012 -9.73 -18.92 -1.03
N GLU A 1013 -10.53 -19.92 -0.69
CA GLU A 1013 -10.67 -20.33 0.70
C GLU A 1013 -9.39 -20.91 1.28
N LEU A 1014 -8.46 -21.35 0.43
CA LEU A 1014 -7.25 -22.00 0.93
C LEU A 1014 -6.45 -21.04 1.81
N TYR A 1015 -6.36 -19.77 1.41
CA TYR A 1015 -5.59 -18.80 2.18
C TYR A 1015 -6.07 -18.69 3.62
N LYS A 1016 -7.34 -19.04 3.88
CA LYS A 1016 -7.89 -18.92 5.23
C LYS A 1016 -7.27 -19.93 6.19
N GLU A 1017 -6.72 -21.03 5.69
CA GLU A 1017 -6.23 -22.08 6.58
C GLU A 1017 -5.04 -21.62 7.42
N LEU A 1018 -4.37 -20.55 7.02
CA LEU A 1018 -3.24 -20.01 7.77
C LEU A 1018 -3.67 -19.03 8.85
N THR A 1019 -4.97 -18.81 9.01
CA THR A 1019 -5.46 -17.82 9.98
C THR A 1019 -5.02 -18.15 11.41
N GLU A 1020 -4.70 -19.40 11.71
CA GLU A 1020 -4.21 -19.80 13.01
C GLU A 1020 -2.79 -20.33 12.87
N GLY A 1021 -2.08 -20.36 14.00
CA GLY A 1021 -0.70 -20.79 14.00
C GLY A 1021 -0.56 -22.28 13.79
N LYS A 1022 -0.91 -22.74 12.59
CA LYS A 1022 -0.93 -24.16 12.30
C LYS A 1022 0.44 -24.74 11.95
N SER A 1023 1.46 -23.88 11.77
CA SER A 1023 2.74 -24.33 11.23
C SER A 1023 3.93 -24.10 12.14
N LEU A 1024 3.86 -23.18 13.11
CA LEU A 1024 5.03 -22.90 13.94
C LEU A 1024 4.67 -22.71 15.41
N SER A 1025 3.57 -23.30 15.87
CA SER A 1025 3.23 -23.22 17.29
C SER A 1025 3.95 -24.31 18.07
N TYR A 1026 3.99 -24.12 19.40
CA TYR A 1026 4.63 -25.12 20.25
C TYR A 1026 4.01 -26.50 20.04
N LYS A 1027 2.71 -26.53 19.76
CA LYS A 1027 2.03 -27.81 19.55
C LYS A 1027 2.58 -28.56 18.34
N THR A 1028 3.29 -27.88 17.45
CA THR A 1028 3.94 -28.53 16.32
C THR A 1028 5.44 -28.65 16.52
N PHE A 1029 6.06 -27.70 17.21
CA PHE A 1029 7.47 -27.83 17.51
C PHE A 1029 7.74 -29.05 18.39
N PHE A 1030 6.86 -29.31 19.36
CA PHE A 1030 7.02 -30.49 20.19
C PHE A 1030 6.79 -31.78 19.40
N VAL A 1031 5.90 -31.76 18.41
CA VAL A 1031 5.75 -32.94 17.56
C VAL A 1031 7.03 -33.17 16.75
N TRP A 1032 7.62 -32.10 16.21
CA TRP A 1032 8.91 -32.25 15.54
C TRP A 1032 9.96 -32.79 16.49
N VAL A 1033 9.95 -32.32 17.75
CA VAL A 1033 10.92 -32.79 18.74
C VAL A 1033 10.76 -34.28 18.97
N LEU A 1034 9.51 -34.73 19.13
CA LEU A 1034 9.25 -36.14 19.35
C LEU A 1034 9.68 -36.98 18.15
N LEU A 1035 9.37 -36.53 16.95
CA LEU A 1035 9.74 -37.29 15.75
C LEU A 1035 11.26 -37.37 15.61
N SER A 1036 11.96 -36.26 15.83
CA SER A 1036 13.41 -36.28 15.77
C SER A 1036 14.00 -37.17 16.86
N LEU A 1037 13.43 -37.12 18.07
CA LEU A 1037 13.91 -37.98 19.14
C LEU A 1037 13.77 -39.44 18.76
N PHE A 1038 12.62 -39.83 18.22
CA PHE A 1038 12.44 -41.21 17.81
C PHE A 1038 13.42 -41.59 16.72
N GLN A 1039 13.57 -40.73 15.71
CA GLN A 1039 14.47 -41.05 14.60
C GLN A 1039 15.89 -41.26 15.10
N GLY A 1040 16.40 -40.31 15.89
CA GLY A 1040 17.76 -40.44 16.41
C GLY A 1040 17.94 -41.63 17.33
N SER A 1041 16.97 -41.88 18.21
CA SER A 1041 17.07 -43.02 19.10
C SER A 1041 17.10 -44.33 18.32
N VAL A 1042 16.21 -44.49 17.34
CA VAL A 1042 16.24 -45.71 16.55
C VAL A 1042 17.56 -45.83 15.82
N ILE A 1043 18.01 -44.75 15.16
CA ILE A 1043 19.28 -44.78 14.44
C ILE A 1043 20.38 -45.31 15.35
N GLN A 1044 20.62 -44.62 16.46
CA GLN A 1044 21.78 -44.93 17.30
C GLN A 1044 21.64 -46.30 17.93
N LEU A 1045 20.46 -46.61 18.49
CA LEU A 1045 20.31 -47.87 19.21
C LEU A 1045 20.40 -49.07 18.28
N PHE A 1046 19.83 -48.97 17.06
CA PHE A 1046 19.95 -50.08 16.15
C PHE A 1046 21.35 -50.19 15.56
N SER A 1047 22.05 -49.06 15.40
CA SER A 1047 23.46 -49.14 15.03
C SER A 1047 24.25 -49.88 16.10
N GLN A 1048 23.99 -49.60 17.37
CA GLN A 1048 24.64 -50.33 18.45
C GLN A 1048 24.23 -51.80 18.45
N ALA A 1049 22.97 -52.08 18.14
CA ALA A 1049 22.52 -53.47 18.09
C ALA A 1049 23.23 -54.26 17.01
N PHE A 1050 23.42 -53.67 15.84
CA PHE A 1050 24.11 -54.33 14.73
C PHE A 1050 25.63 -54.15 14.80
N THR A 1051 26.13 -53.45 15.81
CA THR A 1051 27.57 -53.31 16.03
C THR A 1051 27.85 -53.46 17.53
N SER A 1052 29.02 -53.03 17.98
CA SER A 1052 29.34 -53.10 19.40
C SER A 1052 29.91 -51.75 19.84
N LEU A 1053 29.75 -51.46 21.13
CA LEU A 1053 30.28 -50.23 21.71
C LEU A 1053 31.79 -50.25 21.85
N LEU A 1054 32.42 -51.41 21.73
CA LEU A 1054 33.86 -51.51 21.92
C LEU A 1054 34.58 -50.59 20.94
N ASP A 1055 35.74 -50.07 21.38
CA ASP A 1055 36.52 -49.18 20.53
C ASP A 1055 36.99 -49.89 19.27
N THR A 1056 37.01 -51.23 19.27
CA THR A 1056 37.40 -51.97 18.09
C THR A 1056 36.43 -51.72 16.93
N ASP A 1057 35.14 -51.61 17.23
CA ASP A 1057 34.11 -51.42 16.21
C ASP A 1057 33.63 -49.99 16.12
N PHE A 1058 34.36 -49.03 16.70
CA PHE A 1058 33.93 -47.64 16.67
C PHE A 1058 33.86 -47.11 15.24
N THR A 1059 34.85 -47.44 14.42
CA THR A 1059 34.90 -46.92 13.06
C THR A 1059 33.82 -47.53 12.17
N ARG A 1060 33.15 -48.58 12.64
CA ARG A 1060 32.02 -49.18 11.95
C ARG A 1060 30.70 -48.63 12.46
N MET A 1061 30.60 -48.48 13.79
CA MET A 1061 29.40 -47.89 14.38
C MET A 1061 29.21 -46.46 13.90
N VAL A 1062 30.28 -45.68 13.85
CA VAL A 1062 30.16 -44.29 13.40
C VAL A 1062 29.66 -44.25 11.97
N ALA A 1063 30.12 -45.19 11.13
CA ALA A 1063 29.66 -45.20 9.75
C ALA A 1063 28.19 -45.54 9.65
N ILE A 1064 27.78 -46.63 10.30
CA ILE A 1064 26.40 -47.10 10.21
C ILE A 1064 25.48 -46.06 10.83
N SER A 1065 26.02 -45.18 11.68
CA SER A 1065 25.22 -44.10 12.25
C SER A 1065 25.15 -42.90 11.32
N PHE A 1066 26.31 -42.40 10.86
CA PHE A 1066 26.34 -41.15 10.12
C PHE A 1066 25.72 -41.30 8.74
N THR A 1067 26.02 -42.38 8.02
CA THR A 1067 25.44 -42.53 6.69
C THR A 1067 23.93 -42.66 6.79
N ALA A 1068 23.45 -43.39 7.80
CA ALA A 1068 22.01 -43.50 8.02
C ALA A 1068 21.41 -42.15 8.35
N LEU A 1069 22.11 -41.35 9.16
CA LEU A 1069 21.62 -40.01 9.47
C LEU A 1069 21.50 -39.15 8.22
N VAL A 1070 22.49 -39.18 7.34
CA VAL A 1070 22.44 -38.37 6.13
C VAL A 1070 21.30 -38.83 5.22
N VAL A 1071 21.22 -40.14 4.99
CA VAL A 1071 20.13 -40.65 4.17
C VAL A 1071 18.78 -40.35 4.81
N ASN A 1072 18.74 -40.19 6.13
CA ASN A 1072 17.50 -39.81 6.80
C ASN A 1072 16.97 -38.49 6.25
N GLU A 1073 17.82 -37.46 6.21
CA GLU A 1073 17.41 -36.17 5.67
C GLU A 1073 17.15 -36.28 4.17
N LEU A 1074 18.01 -36.98 3.44
CA LEU A 1074 17.84 -37.04 1.99
C LEU A 1074 16.60 -37.83 1.59
N ILE A 1075 16.02 -38.58 2.53
CA ILE A 1075 14.76 -39.27 2.26
C ILE A 1075 13.58 -38.44 2.77
N MET A 1076 13.75 -37.79 3.93
CA MET A 1076 12.64 -37.03 4.50
C MET A 1076 12.32 -35.79 3.68
N VAL A 1077 13.34 -35.17 3.07
CA VAL A 1077 13.07 -34.06 2.16
C VAL A 1077 12.15 -34.52 1.04
N ALA A 1078 12.48 -35.64 0.39
CA ALA A 1078 11.62 -36.17 -0.65
C ALA A 1078 10.26 -36.61 -0.12
N LEU A 1079 10.18 -36.99 1.16
CA LEU A 1079 8.89 -37.34 1.75
C LEU A 1079 7.99 -36.13 1.94
N GLU A 1080 8.55 -34.97 2.30
CA GLU A 1080 7.75 -33.77 2.52
C GLU A 1080 7.76 -32.80 1.36
N ILE A 1081 8.11 -33.25 0.15
CA ILE A 1081 8.00 -32.39 -1.03
C ILE A 1081 6.63 -32.55 -1.65
N TYR A 1082 5.99 -31.42 -1.96
CA TYR A 1082 4.64 -31.45 -2.52
C TYR A 1082 4.63 -31.79 -4.01
N THR A 1083 5.41 -31.07 -4.81
CA THR A 1083 5.45 -31.27 -6.26
C THR A 1083 6.88 -31.44 -6.71
N TRP A 1084 7.12 -32.42 -7.59
CA TRP A 1084 8.47 -32.77 -7.99
C TRP A 1084 8.89 -31.93 -9.19
N ASN A 1085 9.60 -30.84 -8.90
CA ASN A 1085 10.18 -30.03 -9.96
C ASN A 1085 11.52 -30.62 -10.41
N LYS A 1086 12.04 -30.09 -11.52
CA LYS A 1086 13.27 -30.63 -12.07
C LYS A 1086 14.45 -30.39 -11.14
N THR A 1087 14.53 -29.20 -10.54
CA THR A 1087 15.71 -28.88 -9.73
C THR A 1087 15.85 -29.82 -8.54
N MET A 1088 14.74 -30.12 -7.86
CA MET A 1088 14.81 -30.97 -6.68
C MET A 1088 15.29 -32.37 -7.05
N LEU A 1089 14.70 -32.95 -8.10
CA LEU A 1089 15.08 -34.30 -8.50
C LEU A 1089 16.54 -34.35 -8.95
N VAL A 1090 17.10 -33.20 -9.32
CA VAL A 1090 18.52 -33.14 -9.65
C VAL A 1090 19.34 -33.04 -8.37
N THR A 1091 19.02 -32.06 -7.52
CA THR A 1091 19.84 -31.75 -6.36
C THR A 1091 19.86 -32.85 -5.31
N GLU A 1092 18.73 -33.52 -5.07
CA GLU A 1092 18.71 -34.60 -4.09
C GLU A 1092 19.70 -35.70 -4.48
N ILE A 1093 19.60 -36.19 -5.71
CA ILE A 1093 20.50 -37.24 -6.17
C ILE A 1093 21.92 -36.72 -6.26
N ALA A 1094 22.09 -35.46 -6.64
CA ALA A 1094 23.42 -34.87 -6.79
C ALA A 1094 24.13 -34.65 -5.48
N THR A 1095 23.39 -34.54 -4.37
CA THR A 1095 24.00 -34.51 -3.05
C THR A 1095 24.18 -35.89 -2.45
N LEU A 1096 23.29 -36.84 -2.75
CA LEU A 1096 23.54 -38.21 -2.34
C LEU A 1096 24.81 -38.75 -3.00
N LEU A 1097 24.97 -38.52 -4.29
CA LEU A 1097 26.15 -38.95 -5.02
C LEU A 1097 27.36 -38.05 -4.75
N PHE A 1098 27.15 -36.89 -4.12
CA PHE A 1098 28.27 -36.13 -3.59
C PHE A 1098 28.76 -36.71 -2.27
N TYR A 1099 27.82 -37.15 -1.43
CA TYR A 1099 28.19 -37.83 -0.19
C TYR A 1099 28.94 -39.13 -0.50
N ILE A 1100 28.48 -39.86 -1.52
CA ILE A 1100 29.19 -41.08 -1.93
C ILE A 1100 30.62 -40.78 -2.34
N VAL A 1101 30.89 -39.57 -2.83
CA VAL A 1101 32.25 -39.11 -3.09
C VAL A 1101 32.88 -38.48 -1.86
N SER A 1102 32.14 -38.41 -0.75
CA SER A 1102 32.60 -37.81 0.49
C SER A 1102 33.44 -38.81 1.28
N VAL A 1103 33.55 -38.60 2.59
CA VAL A 1103 34.50 -39.28 3.47
C VAL A 1103 34.73 -40.75 3.09
N PRO A 1104 33.75 -41.51 2.59
CA PRO A 1104 34.09 -42.83 2.04
C PRO A 1104 35.16 -42.80 0.94
N PHE A 1105 35.58 -41.62 0.47
CA PHE A 1105 36.65 -41.50 -0.50
C PHE A 1105 37.92 -40.94 0.12
N LEU A 1106 37.85 -39.78 0.78
CA LEU A 1106 38.95 -39.27 1.60
C LEU A 1106 38.35 -38.92 2.97
N GLY A 1107 38.17 -39.94 3.80
CA GLY A 1107 37.76 -39.74 5.17
C GLY A 1107 38.28 -40.82 6.10
N ASP A 1108 39.31 -41.55 5.65
CA ASP A 1108 39.62 -42.83 6.28
C ASP A 1108 39.93 -42.72 7.76
N TYR A 1109 40.31 -41.55 8.26
CA TYR A 1109 40.57 -41.39 9.68
C TYR A 1109 39.32 -41.55 10.54
N PHE A 1110 38.13 -41.55 9.94
CA PHE A 1110 36.90 -41.78 10.66
C PHE A 1110 35.86 -42.31 9.67
N ASP A 1111 34.79 -42.88 10.21
CA ASP A 1111 33.67 -43.34 9.40
C ASP A 1111 34.15 -44.29 8.30
N LEU A 1112 34.74 -45.41 8.72
CA LEU A 1112 35.22 -46.38 7.74
C LEU A 1112 35.35 -47.74 8.41
N GLY A 1113 34.50 -48.68 8.00
CA GLY A 1113 34.72 -50.09 8.27
C GLY A 1113 34.91 -50.79 6.94
N TYR A 1114 34.58 -52.08 6.86
CA TYR A 1114 34.57 -52.73 5.54
C TYR A 1114 33.54 -52.06 4.64
N MET A 1115 32.33 -51.84 5.16
CA MET A 1115 31.30 -51.01 4.52
C MET A 1115 30.86 -51.54 3.16
N THR A 1116 31.13 -52.81 2.86
CA THR A 1116 30.71 -53.41 1.61
C THR A 1116 29.90 -54.69 1.78
N THR A 1117 30.03 -55.38 2.90
CA THR A 1117 29.37 -56.66 3.07
C THR A 1117 27.85 -56.48 3.16
N VAL A 1118 27.13 -57.53 2.79
CA VAL A 1118 25.67 -57.46 2.74
C VAL A 1118 25.09 -57.18 4.11
N ASN A 1119 25.68 -57.72 5.17
CA ASN A 1119 25.16 -57.50 6.51
C ASN A 1119 25.14 -56.01 6.88
N TYR A 1120 26.01 -55.21 6.28
CA TYR A 1120 25.99 -53.77 6.51
C TYR A 1120 24.79 -53.11 5.85
N TYR A 1121 24.60 -53.35 4.54
CA TYR A 1121 23.53 -52.67 3.84
C TYR A 1121 22.15 -53.16 4.28
N ALA A 1122 22.04 -54.44 4.67
CA ALA A 1122 20.78 -54.90 5.23
C ALA A 1122 20.45 -54.18 6.53
N GLY A 1123 21.43 -53.98 7.40
CA GLY A 1123 21.20 -53.23 8.61
C GLY A 1123 20.84 -51.79 8.32
N LEU A 1124 21.50 -51.19 7.35
CA LEU A 1124 21.15 -49.82 6.95
C LEU A 1124 19.72 -49.74 6.44
N LEU A 1125 19.31 -50.71 5.63
CA LEU A 1125 17.94 -50.76 5.15
C LEU A 1125 16.96 -50.87 6.30
N VAL A 1126 17.25 -51.75 7.27
CA VAL A 1126 16.34 -51.93 8.40
C VAL A 1126 16.24 -50.64 9.20
N ILE A 1127 17.37 -49.99 9.46
CA ILE A 1127 17.36 -48.75 10.23
C ILE A 1127 16.53 -47.71 9.51
N LEU A 1128 16.75 -47.53 8.21
CA LEU A 1128 16.01 -46.53 7.47
C LEU A 1128 14.53 -46.86 7.41
N LEU A 1129 14.18 -48.14 7.25
CA LEU A 1129 12.79 -48.52 7.21
C LEU A 1129 12.09 -48.18 8.51
N ILE A 1130 12.67 -48.57 9.64
CA ILE A 1130 12.03 -48.27 10.92
C ILE A 1130 12.06 -46.79 11.19
N SER A 1131 12.99 -46.06 10.58
CA SER A 1131 13.07 -44.62 10.80
C SER A 1131 11.96 -43.88 10.05
N ILE A 1132 11.68 -44.29 8.81
CA ILE A 1132 10.74 -43.52 7.99
C ILE A 1132 9.32 -44.08 8.06
N PHE A 1133 9.14 -45.33 8.47
CA PHE A 1133 7.79 -45.89 8.45
C PHE A 1133 6.80 -45.07 9.27
N PRO A 1134 7.12 -44.60 10.48
CA PRO A 1134 6.14 -43.77 11.20
C PRO A 1134 5.76 -42.51 10.45
N VAL A 1135 6.72 -41.78 9.88
CA VAL A 1135 6.37 -40.54 9.18
C VAL A 1135 5.55 -40.84 7.94
N TRP A 1136 5.92 -41.87 7.19
CA TRP A 1136 5.16 -42.23 6.00
C TRP A 1136 3.72 -42.60 6.37
N THR A 1137 3.56 -43.44 7.40
CA THR A 1137 2.23 -43.86 7.81
C THR A 1137 1.41 -42.68 8.32
N ALA A 1138 2.02 -41.81 9.11
CA ALA A 1138 1.30 -40.64 9.61
C ALA A 1138 0.86 -39.73 8.47
N LYS A 1139 1.74 -39.50 7.50
CA LYS A 1139 1.38 -38.69 6.36
C LYS A 1139 0.22 -39.32 5.60
N ALA A 1140 0.28 -40.64 5.37
CA ALA A 1140 -0.81 -41.30 4.66
C ALA A 1140 -2.12 -41.18 5.42
N ILE A 1141 -2.08 -41.39 6.74
CA ILE A 1141 -3.30 -41.36 7.53
C ILE A 1141 -3.90 -39.97 7.55
N TYR A 1142 -3.08 -38.95 7.75
CA TYR A 1142 -3.57 -37.58 7.86
C TYR A 1142 -3.78 -36.90 6.52
N ARG A 1143 -3.45 -37.57 5.41
CA ARG A 1143 -3.95 -37.17 4.10
C ARG A 1143 -5.17 -37.96 3.66
N ARG A 1144 -5.40 -39.14 4.24
CA ARG A 1144 -6.66 -39.84 4.04
C ARG A 1144 -7.79 -39.17 4.83
N LEU A 1145 -7.51 -38.76 6.07
CA LEU A 1145 -8.50 -38.10 6.90
C LEU A 1145 -8.60 -36.62 6.56
BE BEF B . -5.15 8.28 -2.47
F1 BEF B . -6.42 8.10 -3.28
F2 BEF B . -4.97 9.75 -1.96
F3 BEF B . -3.90 7.94 -3.33
C10 A1ARJ C . 28.04 -12.22 -1.56
C13 A1ARJ C . 26.77 -14.88 -0.74
C15 A1ARJ C . 24.97 -15.45 -2.57
C22 A1ARJ C . 21.19 -12.70 -6.29
C02 A1ARJ C . 27.72 -3.48 -0.46
C03 A1ARJ C . 28.88 -4.47 -0.55
C04 A1ARJ C . 28.41 -5.93 -0.60
C05 A1ARJ C . 28.72 -6.63 -1.92
C06 A1ARJ C . 28.49 -8.15 -1.89
C08 A1ARJ C . 29.75 -10.36 -1.47
C09 A1ARJ C . 28.53 -11.04 -1.97
C11 A1ARJ C . 28.62 -13.07 -0.49
C12 A1ARJ C . 28.27 -14.58 -0.50
C14 A1ARJ C . 26.44 -15.55 -2.09
C18 A1ARJ C . 22.71 -12.28 -3.14
C01 A1ARJ C . 27.76 -2.42 -1.55
C07 A1ARJ C . 29.50 -8.92 -1.01
C16 A1ARJ C . 24.55 -14.11 -3.21
C17 A1ARJ C . 23.05 -13.77 -3.04
O19 A1ARJ C . 23.34 -11.41 -2.55
O20 A1ARJ C . 21.67 -11.96 -3.95
C21 A1ARJ C . 21.94 -11.71 -5.33
C23 A1ARJ C . 19.87 -12.00 -6.92
O24 A1ARJ C . 19.79 -12.26 -8.25
P25 A1ARJ C . 20.85 -11.62 -9.29
O26 A1ARJ C . 21.91 -12.67 -9.27
O27 A1ARJ C . 20.93 -10.25 -8.75
O28 A1ARJ C . 20.23 -11.53 -10.85
C29 A1ARJ C . 18.89 -11.60 -11.19
C30 A1ARJ C . 18.14 -10.35 -10.71
O31 A1ARJ C . 18.17 -10.38 -9.31
C32 A1ARJ C . 16.64 -10.33 -11.13
O33 A1ARJ C . 16.24 -9.08 -10.65
C34 A1ARJ C . 16.36 -10.49 -12.69
O35 A1ARJ C . 15.06 -10.76 -12.88
P36 A1ARJ C . 13.84 -9.94 -12.26
O37 A1ARJ C . 12.76 -10.15 -13.30
O38 A1ARJ C . 14.38 -8.54 -12.18
O39 A1ARJ C . 13.62 -10.66 -10.95
C40 A1ARJ C . 17.22 -11.73 -13.13
O41 A1ARJ C . 17.32 -11.85 -14.52
C42 A1ARJ C . 18.72 -11.64 -12.72
O43 A1ARJ C . 19.25 -10.43 -13.18
O44 A1ARJ C . 20.72 -13.85 -5.57
C45 A1ARJ C . 20.15 -14.88 -6.24
O46 A1ARJ C . 20.37 -15.05 -7.42
C47 A1ARJ C . 19.25 -15.81 -5.43
C48 A1ARJ C . 18.99 -17.23 -6.01
C49 A1ARJ C . 18.14 -17.30 -7.29
C50 A1ARJ C . 17.12 -18.47 -7.34
C51 A1ARJ C . 17.50 -19.66 -8.23
C52 A1ARJ C . 16.46 -20.78 -8.23
C53 A1ARJ C . 14.98 -20.38 -8.12
C54 A1ARJ C . 14.27 -19.82 -9.29
C55 A1ARJ C . 13.32 -20.42 -10.04
C56 A1ARJ C . 12.76 -21.78 -9.86
C57 A1ARJ C . 12.25 -22.44 -11.17
C58 A1ARJ C . 12.61 -23.93 -11.39
C59 A1ARJ C . 13.75 -24.17 -12.40
C60 A1ARJ C . 13.72 -25.55 -13.08
C61 A1ARJ C . 15.07 -25.92 -13.74
C62 A1ARJ C . 14.96 -26.52 -15.15
C63 A1ARJ C . 16.30 -26.58 -15.88
#